data_5WHM
#
_entry.id   5WHM
#
_cell.length_a   74.152
_cell.length_b   112.462
_cell.length_c   83.649
_cell.angle_alpha   90.00
_cell.angle_beta   115.86
_cell.angle_gamma   90.00
#
_symmetry.space_group_name_H-M   'P 1 21 1'
#
loop_
_entity.id
_entity.type
_entity.pdbx_description
1 polymer 'IclR family transcriptional regulator'
2 non-polymer 'ACETIC ACID'
3 non-polymer 'CALCIUM ION'
4 non-polymer 1,2-ETHANEDIOL
5 water water
#
_entity_poly.entity_id   1
_entity_poly.type   'polypeptide(L)'
_entity_poly.pdbx_seq_one_letter_code
;SNAKPT(MSE)LTPLEAGVEEEDRQFVTALARGLEVLRCFTPTENTLGNQEIAHKTGLPKPTVSRLTHTLVRLGYLRQDA
LSGLYQLDIGILRLGYA(MSE)LSNL(MSE)IRTVASPL(MSE)QVLADYAKAAVA(MSE)AARDRLS(MSE)VYLDVVQ
GEGN(MSE)T(MSE)RRQIGSTLPLAGSSVGRACLAA(MSE)PEDERTFILEHIREREPENWPSIRKGLDRALRDFEDYG
YCLSIGEWHRDVNSVAVPLVHKQYGVLVFNCGGPSFQLPREKLEDDIGPRLIE(MSE)VHNISSAVP
;
_entity_poly.pdbx_strand_id   A,B,C,D
#
loop_
_chem_comp.id
_chem_comp.type
_chem_comp.name
_chem_comp.formula
ACY non-polymer 'ACETIC ACID' 'C2 H4 O2'
CA non-polymer 'CALCIUM ION' 'Ca 2'
EDO non-polymer 1,2-ETHANEDIOL 'C2 H6 O2'
#
# COMPACT_ATOMS: atom_id res chain seq x y z
N LYS A 4 17.54 34.19 2.94
CA LYS A 4 16.33 33.74 2.23
C LYS A 4 16.67 32.84 1.03
N PRO A 5 17.48 33.31 0.05
CA PRO A 5 17.87 32.40 -1.04
C PRO A 5 18.77 31.30 -0.52
N THR A 6 18.69 30.14 -1.18
CA THR A 6 19.57 29.03 -0.85
C THR A 6 21.04 29.43 -0.97
N MSE A 7 21.82 29.02 0.03
CA MSE A 7 23.25 29.31 0.08
C MSE A 7 24.03 28.67 -1.07
O MSE A 7 23.93 27.45 -1.32
CB MSE A 7 23.84 28.81 1.39
CG MSE A 7 23.36 29.57 2.61
SE MSE A 7 23.98 28.65 4.21
CE MSE A 7 25.26 29.97 4.85
N LEU A 8 24.80 29.52 -1.75
CA LEU A 8 25.65 29.05 -2.83
C LEU A 8 26.99 28.56 -2.31
N THR A 9 27.45 29.09 -1.17
CA THR A 9 28.82 28.88 -0.70
C THR A 9 28.79 28.79 0.81
N PRO A 10 28.26 27.69 1.34
CA PRO A 10 27.97 27.64 2.79
C PRO A 10 29.20 27.53 3.67
N LEU A 11 30.35 27.16 3.12
CA LEU A 11 31.59 27.13 3.90
C LEU A 11 32.32 28.47 3.89
N GLU A 12 31.80 29.46 3.16
CA GLU A 12 32.42 30.78 3.06
C GLU A 12 31.66 31.78 3.90
N ALA A 13 32.37 32.51 4.76
CA ALA A 13 31.78 33.67 5.42
C ALA A 13 31.77 34.85 4.44
N GLY A 14 30.70 35.62 4.47
CA GLY A 14 30.56 36.78 3.59
C GLY A 14 29.82 37.89 4.27
N VAL A 15 29.01 38.62 3.50
CA VAL A 15 28.26 39.75 4.04
C VAL A 15 27.10 39.29 4.91
N GLU A 16 26.73 38.01 4.82
CA GLU A 16 25.65 37.42 5.62
C GLU A 16 25.78 37.76 7.10
N GLU A 17 24.74 38.37 7.66
CA GLU A 17 24.73 38.57 9.10
C GLU A 17 24.63 37.21 9.80
N GLU A 18 25.10 37.18 11.04
CA GLU A 18 25.33 35.92 11.70
C GLU A 18 24.01 35.19 11.91
N ASP A 19 24.11 33.87 11.94
CA ASP A 19 22.93 33.04 12.09
C ASP A 19 23.25 32.09 13.22
N ARG A 20 22.66 32.33 14.39
CA ARG A 20 22.97 31.51 15.54
C ARG A 20 22.23 30.18 15.54
N GLN A 21 21.26 29.99 14.64
N GLN A 21 21.25 30.00 14.63
CA GLN A 21 20.56 28.72 14.48
CA GLN A 21 20.57 28.72 14.45
C GLN A 21 21.26 27.79 13.49
C GLN A 21 21.35 27.76 13.57
N PHE A 22 22.25 28.27 12.73
CA PHE A 22 22.88 27.46 11.70
C PHE A 22 23.81 26.43 12.33
N VAL A 23 23.71 25.17 11.89
CA VAL A 23 24.48 24.08 12.48
C VAL A 23 25.66 23.78 11.56
N THR A 24 26.81 24.36 11.88
CA THR A 24 27.97 24.36 11.00
C THR A 24 28.47 22.93 10.72
N ALA A 25 28.47 22.05 11.75
CA ALA A 25 29.00 20.70 11.55
C ALA A 25 28.17 19.90 10.55
N LEU A 26 26.85 20.14 10.53
CA LEU A 26 25.98 19.48 9.58
C LEU A 26 26.31 19.95 8.17
N ALA A 27 26.45 21.27 8.00
CA ALA A 27 26.80 21.83 6.70
C ALA A 27 28.09 21.21 6.18
N ARG A 28 29.11 21.16 7.04
CA ARG A 28 30.43 20.67 6.62
C ARG A 28 30.39 19.21 6.22
N GLY A 29 29.75 18.36 7.05
CA GLY A 29 29.70 16.93 6.75
C GLY A 29 28.98 16.64 5.44
N LEU A 30 27.88 17.34 5.15
CA LEU A 30 27.24 17.15 3.85
C LEU A 30 28.11 17.68 2.70
N GLU A 31 28.87 18.77 2.92
CA GLU A 31 29.79 19.23 1.89
C GLU A 31 30.86 18.20 1.59
N VAL A 32 31.29 17.42 2.59
CA VAL A 32 32.28 16.38 2.33
C VAL A 32 31.73 15.38 1.29
N LEU A 33 30.47 14.97 1.46
CA LEU A 33 29.89 14.02 0.49
C LEU A 33 29.86 14.60 -0.92
N ARG A 34 29.64 15.92 -1.03
CA ARG A 34 29.61 16.59 -2.33
C ARG A 34 30.97 16.68 -3.02
N CYS A 35 32.09 16.40 -2.31
CA CYS A 35 33.40 16.40 -2.97
C CYS A 35 33.58 15.26 -3.97
N PHE A 36 32.84 14.17 -3.81
CA PHE A 36 33.09 12.99 -4.62
C PHE A 36 32.41 13.17 -5.98
N THR A 37 33.12 12.82 -7.05
CA THR A 37 32.67 12.95 -8.42
C THR A 37 33.01 11.67 -9.16
N PRO A 38 32.39 11.41 -10.32
CA PRO A 38 32.69 10.17 -11.04
C PRO A 38 34.17 9.96 -11.31
N THR A 39 34.91 11.01 -11.65
CA THR A 39 36.35 10.81 -11.83
C THR A 39 37.11 10.82 -10.51
N GLU A 40 36.68 11.64 -9.55
CA GLU A 40 37.32 11.71 -8.24
C GLU A 40 36.42 11.01 -7.22
N ASN A 41 36.42 9.67 -7.27
CA ASN A 41 35.45 8.85 -6.57
C ASN A 41 36.05 8.17 -5.36
N THR A 42 37.34 8.34 -5.14
CA THR A 42 38.03 7.77 -4.00
C THR A 42 38.96 8.83 -3.41
N LEU A 43 38.68 9.27 -2.18
CA LEU A 43 39.35 10.47 -1.64
C LEU A 43 39.81 10.23 -0.21
N GLY A 44 40.96 10.82 0.15
CA GLY A 44 41.41 10.85 1.52
C GLY A 44 41.12 12.19 2.21
N ASN A 45 41.50 12.26 3.50
CA ASN A 45 41.23 13.47 4.28
C ASN A 45 41.96 14.69 3.71
N GLN A 46 43.15 14.48 3.16
CA GLN A 46 43.93 15.61 2.63
C GLN A 46 43.26 16.22 1.41
N GLU A 47 42.83 15.39 0.46
CA GLU A 47 42.18 15.94 -0.72
C GLU A 47 40.85 16.59 -0.36
N ILE A 48 40.11 15.99 0.56
CA ILE A 48 38.85 16.60 0.97
C ILE A 48 39.10 17.95 1.64
N ALA A 49 40.17 18.04 2.44
CA ALA A 49 40.49 19.31 3.09
C ALA A 49 40.87 20.37 2.07
N HIS A 50 41.68 20.00 1.07
CA HIS A 50 42.02 20.92 -0.01
C HIS A 50 40.77 21.33 -0.80
N LYS A 51 39.83 20.39 -1.04
CA LYS A 51 38.65 20.75 -1.81
C LYS A 51 37.70 21.66 -1.04
N THR A 52 37.48 21.37 0.25
CA THR A 52 36.55 22.13 1.06
C THR A 52 37.19 23.35 1.71
N GLY A 53 38.51 23.43 1.74
CA GLY A 53 39.19 24.46 2.52
C GLY A 53 39.13 24.27 4.02
N LEU A 54 38.61 23.14 4.50
CA LEU A 54 38.51 22.86 5.94
C LEU A 54 39.85 22.33 6.47
N PRO A 55 40.14 22.58 7.75
CA PRO A 55 41.33 21.97 8.35
C PRO A 55 41.26 20.44 8.25
N LYS A 56 42.40 19.81 7.97
CA LYS A 56 42.43 18.35 7.90
C LYS A 56 41.94 17.67 9.18
N PRO A 57 42.30 18.11 10.39
CA PRO A 57 41.69 17.47 11.58
C PRO A 57 40.19 17.60 11.64
N THR A 58 39.62 18.67 11.09
CA THR A 58 38.17 18.78 11.04
C THR A 58 37.58 17.78 10.05
N VAL A 59 38.15 17.72 8.85
CA VAL A 59 37.77 16.71 7.87
C VAL A 59 37.85 15.30 8.48
N SER A 60 38.94 15.03 9.20
CA SER A 60 39.12 13.71 9.80
C SER A 60 37.94 13.31 10.70
N ARG A 61 37.44 14.24 11.51
CA ARG A 61 36.26 13.93 12.34
C ARG A 61 35.04 13.65 11.47
N LEU A 62 34.86 14.43 10.40
CA LEU A 62 33.66 14.27 9.59
C LEU A 62 33.67 12.93 8.85
N THR A 63 34.81 12.55 8.26
CA THR A 63 34.79 11.30 7.51
C THR A 63 34.69 10.11 8.45
N HIS A 64 35.33 10.18 9.62
CA HIS A 64 35.14 9.14 10.62
C HIS A 64 33.67 8.97 10.97
N THR A 65 33.00 10.09 11.22
CA THR A 65 31.57 10.07 11.55
C THR A 65 30.74 9.55 10.38
N LEU A 66 31.02 10.02 9.15
CA LEU A 66 30.22 9.55 8.01
C LEU A 66 30.39 8.04 7.80
N VAL A 67 31.58 7.50 8.05
CA VAL A 67 31.76 6.06 7.95
C VAL A 67 30.90 5.36 8.99
N ARG A 68 30.93 5.84 10.24
CA ARG A 68 30.15 5.15 11.27
C ARG A 68 28.65 5.21 10.99
N LEU A 69 28.19 6.23 10.27
CA LEU A 69 26.77 6.35 9.95
C LEU A 69 26.38 5.67 8.66
N GLY A 70 27.34 5.15 7.89
CA GLY A 70 27.00 4.43 6.66
C GLY A 70 26.93 5.28 5.41
N TYR A 71 27.40 6.54 5.44
CA TYR A 71 27.41 7.36 4.24
C TYR A 71 28.75 7.31 3.49
N LEU A 72 29.84 6.98 4.17
CA LEU A 72 31.11 6.64 3.52
C LEU A 72 31.53 5.24 3.93
N ARG A 73 32.44 4.68 3.14
CA ARG A 73 33.15 3.49 3.56
C ARG A 73 34.63 3.70 3.31
N GLN A 74 35.47 3.04 4.11
CA GLN A 74 36.91 3.24 4.08
C GLN A 74 37.57 1.93 3.67
N ASP A 75 38.38 2.00 2.60
CA ASP A 75 39.15 0.84 2.18
C ASP A 75 40.19 0.48 3.23
N ALA A 76 40.32 -0.82 3.51
CA ALA A 76 41.20 -1.26 4.59
C ALA A 76 42.67 -0.97 4.28
N LEU A 77 43.07 -1.16 3.03
CA LEU A 77 44.49 -1.07 2.66
C LEU A 77 44.93 0.37 2.48
N SER A 78 44.17 1.15 1.71
CA SER A 78 44.57 2.48 1.29
C SER A 78 44.21 3.56 2.28
N GLY A 79 43.19 3.34 3.12
CA GLY A 79 42.63 4.37 3.95
C GLY A 79 41.69 5.34 3.24
N LEU A 80 41.60 5.29 1.91
CA LEU A 80 40.76 6.20 1.15
C LEU A 80 39.28 5.92 1.39
N TYR A 81 38.45 6.95 1.19
CA TYR A 81 37.01 6.86 1.38
C TYR A 81 36.29 6.81 0.03
N GLN A 82 35.07 6.26 0.07
CA GLN A 82 34.13 6.21 -1.05
C GLN A 82 32.73 6.36 -0.48
N LEU A 83 31.83 6.84 -1.34
CA LEU A 83 30.42 6.97 -0.98
C LEU A 83 29.84 5.59 -0.70
N ASP A 84 28.90 5.52 0.24
CA ASP A 84 28.22 4.26 0.54
C ASP A 84 26.72 4.39 0.27
N ILE A 85 26.00 3.28 0.34
CA ILE A 85 24.71 3.23 -0.35
C ILE A 85 23.56 3.87 0.40
N GLY A 86 23.74 4.21 1.67
CA GLY A 86 22.85 5.14 2.36
C GLY A 86 22.51 6.40 1.55
N ILE A 87 23.47 6.88 0.75
CA ILE A 87 23.23 8.06 -0.07
C ILE A 87 22.22 7.76 -1.17
N LEU A 88 22.26 6.53 -1.71
CA LEU A 88 21.29 6.17 -2.75
C LEU A 88 19.89 6.09 -2.15
N ARG A 89 19.79 5.64 -0.91
CA ARG A 89 18.49 5.53 -0.26
C ARG A 89 17.90 6.91 -0.02
N LEU A 90 18.73 7.84 0.45
CA LEU A 90 18.30 9.23 0.61
C LEU A 90 17.80 9.82 -0.72
N GLY A 91 18.54 9.60 -1.82
CA GLY A 91 18.15 10.17 -3.10
C GLY A 91 16.82 9.67 -3.61
N TYR A 92 16.57 8.36 -3.47
CA TYR A 92 15.29 7.81 -3.86
C TYR A 92 14.15 8.35 -3.00
N ALA A 93 14.37 8.50 -1.68
CA ALA A 93 13.34 9.14 -0.84
C ALA A 93 13.00 10.54 -1.37
N MSE A 94 14.00 11.26 -1.83
CA MSE A 94 13.75 12.59 -2.41
C MSE A 94 12.95 12.52 -3.73
O MSE A 94 11.91 13.16 -3.87
CB MSE A 94 15.07 13.33 -2.64
CG MSE A 94 14.86 14.83 -2.94
SE MSE A 94 14.90 15.12 -4.88
CE MSE A 94 13.24 16.23 -4.92
N LEU A 95 13.45 11.69 -4.67
CA LEU A 95 12.78 11.52 -5.95
C LEU A 95 11.33 11.11 -5.78
N SER A 96 11.02 10.36 -4.72
N SER A 96 11.02 10.36 -4.72
CA SER A 96 9.68 9.85 -4.54
CA SER A 96 9.66 9.85 -4.56
C SER A 96 8.68 10.91 -4.15
C SER A 96 8.67 10.95 -4.23
N ASN A 97 9.12 12.10 -3.72
CA ASN A 97 8.16 13.18 -3.43
C ASN A 97 7.80 13.99 -4.69
N LEU A 98 8.38 13.68 -5.85
CA LEU A 98 8.06 14.40 -7.11
C LEU A 98 6.82 13.78 -7.73
N MSE A 99 5.65 14.09 -7.16
CA MSE A 99 4.41 13.54 -7.68
C MSE A 99 4.12 13.92 -9.15
O MSE A 99 3.47 13.18 -9.90
CB MSE A 99 3.24 13.97 -6.80
CG MSE A 99 3.40 13.47 -5.35
SE MSE A 99 1.75 13.81 -4.39
CE MSE A 99 1.72 15.79 -4.45
N ILE A 100 4.62 15.09 -9.54
CA ILE A 100 4.42 15.60 -10.90
C ILE A 100 4.84 14.59 -11.95
N ARG A 101 5.76 13.67 -11.59
CA ARG A 101 6.29 12.73 -12.58
C ARG A 101 5.21 11.84 -13.15
N THR A 102 4.16 11.56 -12.39
CA THR A 102 3.14 10.66 -12.96
C THR A 102 2.37 11.33 -14.08
N VAL A 103 2.16 12.65 -14.00
CA VAL A 103 1.53 13.37 -15.10
C VAL A 103 2.55 13.62 -16.22
N ALA A 104 3.77 14.01 -15.86
CA ALA A 104 4.73 14.51 -16.86
C ALA A 104 5.34 13.38 -17.68
N SER A 105 5.71 12.25 -17.04
CA SER A 105 6.44 11.20 -17.74
C SER A 105 5.76 10.65 -18.99
N PRO A 106 4.46 10.30 -18.97
CA PRO A 106 3.82 9.83 -20.22
C PRO A 106 3.88 10.85 -21.33
N LEU A 107 3.70 12.14 -20.99
CA LEU A 107 3.75 13.20 -21.98
C LEU A 107 5.15 13.40 -22.54
N MSE A 108 6.16 13.26 -21.67
CA MSE A 108 7.55 13.33 -22.10
C MSE A 108 7.92 12.19 -23.04
O MSE A 108 8.64 12.40 -23.99
CB MSE A 108 8.49 13.31 -20.88
CG MSE A 108 8.33 14.54 -19.97
SE MSE A 108 9.06 14.34 -18.13
CE MSE A 108 10.90 13.83 -18.56
N GLN A 109 7.44 10.98 -22.74
CA GLN A 109 7.70 9.83 -23.63
C GLN A 109 7.09 10.05 -25.02
N VAL A 110 5.91 10.67 -25.09
CA VAL A 110 5.32 10.96 -26.39
C VAL A 110 6.19 11.94 -27.17
N LEU A 111 6.69 12.97 -26.50
CA LEU A 111 7.57 13.90 -27.21
C LEU A 111 8.89 13.23 -27.57
N ALA A 112 9.47 12.46 -26.64
CA ALA A 112 10.73 11.79 -26.94
C ALA A 112 10.58 10.85 -28.12
N ASP A 113 9.43 10.18 -28.24
CA ASP A 113 9.21 9.27 -29.36
C ASP A 113 9.08 10.03 -30.68
N TYR A 114 8.40 11.17 -30.67
CA TYR A 114 8.28 11.99 -31.86
C TYR A 114 9.63 12.52 -32.33
N ALA A 115 10.40 13.11 -31.41
CA ALA A 115 11.66 13.78 -31.77
C ALA A 115 12.81 12.80 -31.93
N LYS A 116 12.60 11.54 -31.53
CA LYS A 116 13.63 10.53 -31.44
C LYS A 116 14.85 11.06 -30.68
N ALA A 117 14.59 11.58 -29.48
CA ALA A 117 15.61 12.25 -28.68
C ALA A 117 15.17 12.21 -27.23
N ALA A 118 16.09 12.59 -26.33
CA ALA A 118 15.82 12.52 -24.92
C ALA A 118 14.99 13.72 -24.47
N VAL A 119 14.04 13.49 -23.56
CA VAL A 119 13.30 14.56 -22.90
C VAL A 119 13.51 14.41 -21.40
N ALA A 120 13.83 15.52 -20.73
CA ALA A 120 14.19 15.45 -19.31
C ALA A 120 13.48 16.54 -18.53
N MSE A 121 13.40 16.33 -17.23
CA MSE A 121 12.91 17.32 -16.29
C MSE A 121 14.05 17.65 -15.31
O MSE A 121 14.71 16.73 -14.80
CB MSE A 121 11.68 16.80 -15.53
CG MSE A 121 11.08 17.83 -14.56
SE MSE A 121 9.50 17.09 -13.63
CE MSE A 121 10.45 15.92 -12.40
N ALA A 122 14.26 18.92 -15.04
CA ALA A 122 15.43 19.34 -14.25
C ALA A 122 15.02 20.43 -13.26
N ALA A 123 15.85 20.62 -12.21
CA ALA A 123 15.70 21.75 -11.29
C ALA A 123 17.09 22.16 -10.82
N ARG A 124 17.18 23.40 -10.34
CA ARG A 124 18.47 23.98 -9.98
C ARG A 124 18.90 23.56 -8.58
N ASP A 125 20.20 23.32 -8.44
CA ASP A 125 20.83 23.31 -7.12
C ASP A 125 22.13 24.08 -7.24
N ARG A 126 22.23 25.18 -6.49
CA ARG A 126 23.39 26.08 -6.51
C ARG A 126 23.61 26.57 -7.94
N LEU A 127 24.76 26.30 -8.56
CA LEU A 127 25.08 26.73 -9.92
C LEU A 127 24.91 25.60 -10.95
N SER A 128 24.10 24.59 -10.66
CA SER A 128 23.89 23.50 -11.62
C SER A 128 22.41 23.22 -11.77
N MSE A 129 22.07 22.62 -12.90
CA MSE A 129 20.76 22.01 -13.06
C MSE A 129 20.95 20.51 -12.80
O MSE A 129 21.95 19.93 -13.21
CB MSE A 129 20.24 22.23 -14.49
CG MSE A 129 20.03 23.70 -14.87
SE MSE A 129 18.83 24.62 -13.62
CE MSE A 129 17.16 23.77 -14.06
N VAL A 130 19.97 19.87 -12.17
CA VAL A 130 20.05 18.46 -11.83
C VAL A 130 18.91 17.73 -12.53
N TYR A 131 19.24 16.71 -13.31
CA TYR A 131 18.19 15.87 -13.94
C TYR A 131 17.39 15.10 -12.89
N LEU A 132 16.06 15.23 -12.92
CA LEU A 132 15.16 14.56 -12.01
C LEU A 132 14.42 13.41 -12.65
N ASP A 133 14.29 13.43 -13.98
CA ASP A 133 13.62 12.35 -14.71
C ASP A 133 14.04 12.50 -16.16
N VAL A 134 14.33 11.39 -16.81
CA VAL A 134 14.82 11.38 -18.18
C VAL A 134 14.11 10.26 -18.93
N VAL A 135 13.53 10.58 -20.10
CA VAL A 135 12.98 9.52 -20.98
C VAL A 135 13.72 9.59 -22.30
N GLN A 136 13.89 8.43 -22.93
CA GLN A 136 14.61 8.33 -24.18
C GLN A 136 13.66 7.97 -25.30
N GLY A 137 13.97 8.43 -26.52
CA GLY A 137 13.25 7.95 -27.69
C GLY A 137 13.31 6.44 -27.70
N GLU A 138 12.31 5.78 -28.27
CA GLU A 138 12.34 4.31 -28.26
C GLU A 138 13.60 3.76 -28.95
N GLY A 139 14.27 4.58 -29.77
CA GLY A 139 15.67 4.36 -30.10
C GLY A 139 16.54 4.82 -28.92
N ASN A 140 16.79 3.88 -28.01
CA ASN A 140 17.17 4.19 -26.62
C ASN A 140 18.63 4.60 -26.42
N THR A 142 22.10 5.39 -22.08
CA THR A 142 22.39 3.98 -22.34
C THR A 142 22.50 3.22 -21.00
N MSE A 143 23.55 2.41 -20.78
CA MSE A 143 23.70 1.81 -19.43
C MSE A 143 23.89 2.88 -18.32
O MSE A 143 23.36 2.74 -17.22
CB MSE A 143 24.87 0.84 -19.37
CG MSE A 143 24.53 -0.37 -18.50
SE MSE A 143 26.04 -1.36 -17.79
CE MSE A 143 27.12 -1.41 -19.39
N ARG A 144 24.64 3.95 -18.60
CA ARG A 144 24.81 4.99 -17.59
C ARG A 144 23.47 5.64 -17.26
N ARG A 145 23.12 5.64 -15.98
CA ARG A 145 21.88 6.30 -15.56
C ARG A 145 22.13 7.79 -15.36
N GLN A 146 21.15 8.62 -15.74
CA GLN A 146 21.34 10.06 -15.77
C GLN A 146 20.56 10.81 -14.71
N ILE A 147 19.68 10.16 -13.97
CA ILE A 147 18.95 10.86 -12.92
C ILE A 147 19.93 11.25 -11.83
N GLY A 148 19.89 12.54 -11.44
CA GLY A 148 20.87 13.10 -10.53
C GLY A 148 22.15 13.60 -11.18
N SER A 149 22.32 13.44 -12.48
CA SER A 149 23.52 14.08 -13.04
C SER A 149 23.25 15.58 -13.22
N THR A 150 24.33 16.33 -13.48
CA THR A 150 24.25 17.79 -13.41
C THR A 150 24.76 18.42 -14.70
N LEU A 151 24.27 19.61 -14.98
CA LEU A 151 24.69 20.45 -16.10
C LEU A 151 24.96 21.87 -15.59
N PRO A 152 25.92 22.59 -16.15
CA PRO A 152 26.13 23.99 -15.76
C PRO A 152 24.96 24.88 -16.19
N LEU A 153 24.78 25.95 -15.41
CA LEU A 153 23.64 26.85 -15.57
C LEU A 153 23.73 27.66 -16.86
N ALA A 154 24.89 28.25 -17.15
CA ALA A 154 24.89 29.35 -18.13
C ALA A 154 24.82 28.87 -19.57
N GLY A 155 25.37 27.69 -19.86
CA GLY A 155 25.50 27.20 -21.23
C GLY A 155 24.49 26.14 -21.64
N SER A 156 23.77 25.54 -20.69
CA SER A 156 22.77 24.54 -21.07
C SER A 156 21.41 25.19 -21.33
N SER A 157 20.59 24.52 -22.17
CA SER A 157 19.25 25.06 -22.37
C SER A 157 18.44 25.01 -21.07
N VAL A 158 18.61 23.95 -20.25
CA VAL A 158 17.83 23.89 -19.01
C VAL A 158 18.23 25.02 -18.05
N GLY A 159 19.53 25.30 -17.92
CA GLY A 159 19.93 26.39 -17.02
C GLY A 159 19.50 27.75 -17.53
N ARG A 160 19.56 27.96 -18.84
CA ARG A 160 19.14 29.23 -19.41
C ARG A 160 17.66 29.44 -19.18
N ALA A 161 16.84 28.40 -19.34
CA ALA A 161 15.43 28.60 -19.08
C ALA A 161 15.15 28.83 -17.61
N CYS A 162 15.91 28.17 -16.74
CA CYS A 162 15.74 28.38 -15.30
C CYS A 162 16.07 29.82 -14.93
N LEU A 163 17.20 30.32 -15.43
CA LEU A 163 17.57 31.74 -15.23
C LEU A 163 16.54 32.67 -15.82
N ALA A 164 15.98 32.31 -16.98
CA ALA A 164 15.03 33.20 -17.63
C ALA A 164 13.77 33.35 -16.79
N ALA A 165 13.34 32.29 -16.12
CA ALA A 165 12.09 32.31 -15.39
C ALA A 165 12.27 32.89 -14.00
N MSE A 166 13.50 33.14 -13.61
CA MSE A 166 13.85 33.76 -12.35
C MSE A 166 13.56 35.23 -12.28
O MSE A 166 13.74 35.95 -13.28
CB MSE A 166 15.33 33.59 -12.10
CG MSE A 166 15.68 32.61 -11.09
SE MSE A 166 17.59 32.71 -10.95
CE MSE A 166 17.78 30.80 -11.20
N PRO A 167 13.19 35.69 -11.08
CA PRO A 167 13.16 37.13 -10.81
C PRO A 167 14.47 37.82 -11.17
N GLU A 168 14.39 39.12 -11.48
CA GLU A 168 15.55 39.81 -12.04
C GLU A 168 16.69 39.94 -11.02
N ASP A 169 16.37 40.27 -9.77
CA ASP A 169 17.44 40.43 -8.77
C ASP A 169 18.11 39.08 -8.46
N GLU A 170 17.33 38.00 -8.44
CA GLU A 170 17.90 36.68 -8.13
C GLU A 170 18.79 36.17 -9.25
N ARG A 171 18.34 36.32 -10.50
CA ARG A 171 19.22 36.04 -11.62
C ARG A 171 20.51 36.87 -11.52
N THR A 172 20.39 38.17 -11.20
CA THR A 172 21.58 39.00 -11.09
C THR A 172 22.54 38.47 -10.05
N PHE A 173 22.03 38.07 -8.88
CA PHE A 173 22.89 37.54 -7.83
C PHE A 173 23.62 36.27 -8.29
N ILE A 174 22.90 35.31 -8.83
CA ILE A 174 23.55 34.08 -9.29
C ILE A 174 24.57 34.39 -10.38
N LEU A 175 24.21 35.32 -11.29
CA LEU A 175 25.10 35.71 -12.39
C LEU A 175 26.36 36.41 -11.88
N GLU A 176 26.24 37.24 -10.83
CA GLU A 176 27.43 37.76 -10.16
C GLU A 176 28.38 36.62 -9.79
N HIS A 177 27.82 35.56 -9.20
CA HIS A 177 28.65 34.45 -8.77
C HIS A 177 29.39 33.82 -9.92
N ILE A 178 28.68 33.55 -11.01
CA ILE A 178 29.30 32.95 -12.17
C ILE A 178 30.35 33.89 -12.76
N ARG A 179 30.03 35.18 -12.79
CA ARG A 179 30.95 36.16 -13.37
C ARG A 179 32.26 36.20 -12.59
N GLU A 180 32.19 36.23 -11.26
CA GLU A 180 33.42 36.33 -10.48
C GLU A 180 34.22 35.03 -10.49
N ARG A 181 33.60 33.90 -10.84
CA ARG A 181 34.30 32.62 -10.94
C ARG A 181 34.94 32.36 -12.30
N GLU A 182 34.52 33.05 -13.35
CA GLU A 182 35.07 32.83 -14.69
C GLU A 182 35.33 34.17 -15.35
N PRO A 183 36.23 34.97 -14.79
CA PRO A 183 36.38 36.34 -15.31
C PRO A 183 36.86 36.40 -16.75
N GLU A 184 37.74 35.49 -17.16
CA GLU A 184 38.26 35.52 -18.53
C GLU A 184 37.17 35.33 -19.58
N ASN A 185 36.30 34.36 -19.39
CA ASN A 185 35.31 34.00 -20.41
C ASN A 185 33.94 34.64 -20.21
N TRP A 186 33.74 35.39 -19.14
CA TRP A 186 32.40 35.90 -18.84
C TRP A 186 31.74 36.71 -19.98
N PRO A 187 32.42 37.62 -20.69
CA PRO A 187 31.69 38.34 -21.78
C PRO A 187 31.06 37.38 -22.78
N SER A 188 31.79 36.34 -23.17
CA SER A 188 31.25 35.34 -24.09
C SER A 188 30.12 34.55 -23.45
N ILE A 189 30.31 34.14 -22.19
CA ILE A 189 29.25 33.42 -21.49
C ILE A 189 27.99 34.27 -21.43
N ARG A 190 28.14 35.53 -21.06
CA ARG A 190 27.00 36.43 -20.93
C ARG A 190 26.30 36.69 -22.26
N LYS A 191 27.06 36.80 -23.36
CA LYS A 191 26.37 37.02 -24.64
C LYS A 191 25.48 35.83 -24.99
N GLY A 192 25.98 34.61 -24.74
CA GLY A 192 25.17 33.42 -24.99
C GLY A 192 23.92 33.42 -24.15
N LEU A 193 24.03 33.84 -22.91
CA LEU A 193 22.88 33.95 -22.03
C LEU A 193 21.91 35.02 -22.50
N ASP A 194 22.45 36.20 -22.88
CA ASP A 194 21.58 37.27 -23.35
C ASP A 194 20.76 36.80 -24.54
N ARG A 195 21.39 36.10 -25.49
CA ARG A 195 20.63 35.59 -26.62
C ARG A 195 19.51 34.66 -26.17
N ALA A 196 19.81 33.77 -25.21
CA ALA A 196 18.78 32.83 -24.74
C ALA A 196 17.64 33.57 -24.03
N LEU A 197 17.96 34.64 -23.29
CA LEU A 197 16.92 35.44 -22.64
C LEU A 197 16.01 36.14 -23.66
N ARG A 198 16.58 36.59 -24.79
CA ARG A 198 15.73 37.19 -25.83
C ARG A 198 14.79 36.14 -26.40
N ASP A 199 15.31 34.93 -26.68
CA ASP A 199 14.46 33.86 -27.16
C ASP A 199 13.34 33.58 -26.17
N PHE A 200 13.63 33.61 -24.86
CA PHE A 200 12.57 33.34 -23.90
C PHE A 200 11.46 34.37 -23.99
N GLU A 201 11.84 35.65 -24.00
CA GLU A 201 10.86 36.71 -24.14
C GLU A 201 10.12 36.61 -25.47
N ASP A 202 10.82 36.29 -26.55
CA ASP A 202 10.16 36.32 -27.86
C ASP A 202 9.30 35.08 -28.10
N TYR A 203 9.76 33.91 -27.65
CA TYR A 203 9.18 32.64 -28.06
C TYR A 203 8.84 31.72 -26.90
N GLY A 204 9.27 32.01 -25.67
CA GLY A 204 8.96 31.14 -24.54
C GLY A 204 9.83 29.91 -24.36
N TYR A 205 10.95 29.80 -25.06
CA TYR A 205 11.88 28.71 -24.77
C TYR A 205 13.29 29.29 -24.76
N CYS A 206 14.26 28.49 -24.32
CA CYS A 206 15.67 28.81 -24.50
C CYS A 206 16.33 27.67 -25.25
N LEU A 207 17.33 28.01 -26.06
CA LEU A 207 18.11 27.06 -26.83
C LEU A 207 19.51 26.97 -26.26
N SER A 208 20.14 25.82 -26.49
CA SER A 208 21.59 25.69 -26.42
C SER A 208 22.02 24.94 -27.67
N ILE A 209 22.60 25.66 -28.61
CA ILE A 209 22.97 25.12 -29.93
C ILE A 209 24.48 24.86 -29.83
N GLY A 210 24.84 23.68 -29.34
CA GLY A 210 26.26 23.38 -29.23
C GLY A 210 27.00 24.14 -28.15
N GLU A 211 26.30 24.74 -27.18
CA GLU A 211 26.95 25.58 -26.19
C GLU A 211 27.16 24.89 -24.85
N TRP A 212 26.60 23.71 -24.65
CA TRP A 212 26.95 22.83 -23.55
C TRP A 212 27.95 21.77 -24.03
N HIS A 213 27.54 20.94 -24.99
CA HIS A 213 28.45 20.10 -25.75
C HIS A 213 28.36 20.47 -27.24
N ARG A 214 29.51 20.52 -27.90
CA ARG A 214 29.54 21.03 -29.28
C ARG A 214 28.66 20.22 -30.23
N ASP A 215 28.47 18.92 -29.99
CA ASP A 215 27.73 18.08 -30.91
C ASP A 215 26.26 17.95 -30.55
N VAL A 216 25.80 18.71 -29.56
CA VAL A 216 24.49 18.56 -28.94
C VAL A 216 23.74 19.89 -29.06
N ASN A 217 22.47 19.80 -29.48
CA ASN A 217 21.51 20.88 -29.43
C ASN A 217 20.34 20.52 -28.52
N SER A 218 19.77 21.53 -27.90
CA SER A 218 18.64 21.27 -27.03
C SER A 218 17.79 22.52 -26.87
N VAL A 219 16.52 22.32 -26.57
CA VAL A 219 15.58 23.40 -26.30
C VAL A 219 14.95 23.10 -24.94
N ALA A 220 14.58 24.16 -24.20
CA ALA A 220 14.04 23.96 -22.85
C ALA A 220 12.97 25.01 -22.52
N VAL A 221 12.01 24.60 -21.69
CA VAL A 221 10.87 25.44 -21.30
C VAL A 221 10.69 25.33 -19.80
N PRO A 222 10.61 26.44 -19.05
CA PRO A 222 10.45 26.35 -17.59
C PRO A 222 8.98 26.20 -17.19
N LEU A 223 8.78 25.68 -16.00
CA LEU A 223 7.48 25.63 -15.34
C LEU A 223 7.71 26.09 -13.91
N VAL A 224 7.16 27.24 -13.54
CA VAL A 224 7.30 27.73 -12.17
C VAL A 224 6.22 27.06 -11.34
N HIS A 225 6.63 26.33 -10.30
CA HIS A 225 5.70 25.59 -9.47
C HIS A 225 5.86 26.00 -8.01
N LYS A 226 4.72 26.22 -7.33
CA LYS A 226 4.73 26.73 -5.96
C LYS A 226 5.43 25.76 -5.01
N GLN A 227 5.19 24.46 -5.15
CA GLN A 227 5.82 23.48 -4.27
C GLN A 227 7.24 23.15 -4.72
N TYR A 228 7.40 22.75 -5.98
CA TYR A 228 8.68 22.25 -6.45
C TYR A 228 9.70 23.34 -6.77
N GLY A 229 9.28 24.60 -6.94
CA GLY A 229 10.17 25.63 -7.45
C GLY A 229 10.13 25.66 -8.96
N VAL A 230 11.20 26.17 -9.56
CA VAL A 230 11.24 26.26 -11.03
C VAL A 230 11.71 24.91 -11.58
N LEU A 231 10.81 24.20 -12.23
CA LEU A 231 11.12 23.00 -12.98
C LEU A 231 11.37 23.37 -14.43
N VAL A 232 12.30 22.68 -15.08
CA VAL A 232 12.59 22.95 -16.49
C VAL A 232 12.52 21.63 -17.25
N PHE A 233 11.85 21.63 -18.39
CA PHE A 233 11.76 20.46 -19.27
C PHE A 233 12.59 20.72 -20.52
N ASN A 234 13.33 19.72 -21.01
CA ASN A 234 14.10 20.00 -22.22
C ASN A 234 13.93 18.84 -23.19
N CYS A 235 14.34 19.07 -24.44
CA CYS A 235 14.43 18.00 -25.41
C CYS A 235 15.72 18.26 -26.19
N GLY A 236 16.61 17.28 -26.25
CA GLY A 236 17.89 17.54 -26.86
C GLY A 236 18.54 16.26 -27.33
N GLY A 237 19.66 16.42 -28.05
CA GLY A 237 20.34 15.28 -28.61
C GLY A 237 21.35 15.74 -29.63
N PRO A 238 21.83 14.81 -30.45
CA PRO A 238 22.83 15.16 -31.46
C PRO A 238 22.32 16.27 -32.35
N SER A 239 23.18 17.27 -32.57
CA SER A 239 22.82 18.40 -33.41
C SER A 239 22.50 17.95 -34.84
N PHE A 240 23.04 16.81 -35.28
CA PHE A 240 22.68 16.28 -36.59
C PHE A 240 21.22 15.83 -36.62
N GLN A 241 20.74 15.21 -35.54
CA GLN A 241 19.34 14.83 -35.45
C GLN A 241 18.45 16.03 -35.12
N LEU A 242 18.96 17.03 -34.39
CA LEU A 242 18.14 18.15 -33.92
C LEU A 242 18.77 19.49 -34.30
N PRO A 243 18.76 19.85 -35.58
CA PRO A 243 19.27 21.18 -35.96
C PRO A 243 18.46 22.31 -35.35
N ARG A 244 19.09 23.48 -35.29
CA ARG A 244 18.46 24.64 -34.68
C ARG A 244 17.06 24.91 -35.25
N GLU A 245 16.91 24.88 -36.58
CA GLU A 245 15.61 25.15 -37.22
C GLU A 245 14.54 24.15 -36.78
N LYS A 246 14.94 22.89 -36.54
CA LYS A 246 13.98 21.91 -36.06
C LYS A 246 13.51 22.26 -34.66
N LEU A 247 14.45 22.65 -33.79
CA LEU A 247 14.07 23.06 -32.43
C LEU A 247 13.20 24.30 -32.45
N GLU A 248 13.54 25.28 -33.31
CA GLU A 248 12.76 26.52 -33.32
C GLU A 248 11.38 26.31 -33.92
N ASP A 249 11.29 25.50 -34.98
CA ASP A 249 10.07 25.48 -35.77
C ASP A 249 9.11 24.36 -35.35
N ASP A 250 9.59 23.38 -34.56
CA ASP A 250 8.84 22.14 -34.37
C ASP A 250 8.91 21.66 -32.91
N ILE A 251 10.11 21.33 -32.42
CA ILE A 251 10.25 20.74 -31.08
C ILE A 251 9.97 21.77 -29.99
N GLY A 252 10.54 22.97 -30.11
CA GLY A 252 10.26 24.02 -29.17
C GLY A 252 8.78 24.28 -28.97
N PRO A 253 8.02 24.51 -30.06
CA PRO A 253 6.56 24.65 -29.90
C PRO A 253 5.89 23.44 -29.27
N ARG A 254 6.31 22.22 -29.63
CA ARG A 254 5.72 21.04 -28.99
C ARG A 254 6.06 20.98 -27.51
N LEU A 255 7.28 21.41 -27.14
CA LEU A 255 7.68 21.39 -25.74
C LEU A 255 6.87 22.39 -24.94
N ILE A 256 6.66 23.60 -25.51
CA ILE A 256 5.79 24.61 -24.89
C ILE A 256 4.41 24.04 -24.63
N GLU A 257 3.76 23.46 -25.66
CA GLU A 257 2.45 22.87 -25.44
C GLU A 257 2.50 21.74 -24.39
N MSE A 258 3.56 20.95 -24.38
CA MSE A 258 3.66 19.87 -23.38
C MSE A 258 3.69 20.47 -21.96
O MSE A 258 3.03 19.96 -21.06
CB MSE A 258 4.91 19.02 -23.61
CG MSE A 258 4.96 17.75 -22.71
SE MSE A 258 6.75 16.96 -22.72
CE MSE A 258 7.67 18.16 -21.46
N VAL A 259 4.44 21.56 -21.76
CA VAL A 259 4.56 22.14 -20.43
C VAL A 259 3.23 22.78 -20.00
N HIS A 260 2.52 23.44 -20.93
N HIS A 260 2.53 23.45 -20.93
CA HIS A 260 1.19 23.96 -20.60
CA HIS A 260 1.20 23.97 -20.64
C HIS A 260 0.25 22.83 -20.17
C HIS A 260 0.27 22.84 -20.19
N ASN A 261 0.34 21.68 -20.85
CA ASN A 261 -0.49 20.55 -20.46
C ASN A 261 -0.12 20.07 -19.06
N ILE A 262 1.18 19.91 -18.81
CA ILE A 262 1.60 19.49 -17.46
C ILE A 262 1.14 20.51 -16.43
N SER A 263 1.38 21.79 -16.71
CA SER A 263 1.02 22.85 -15.77
C SER A 263 -0.48 22.90 -15.50
N SER A 264 -1.32 22.60 -16.49
CA SER A 264 -2.75 22.66 -16.26
C SER A 264 -3.25 21.46 -15.47
N ALA A 265 -2.51 20.36 -15.43
CA ALA A 265 -2.94 19.15 -14.76
C ALA A 265 -2.47 19.07 -13.30
N VAL A 266 -1.52 19.90 -12.91
CA VAL A 266 -0.84 19.84 -11.61
C VAL A 266 -1.37 20.96 -10.74
N PRO A 267 -1.94 20.67 -9.55
CA PRO A 267 -2.62 21.74 -8.79
C PRO A 267 -1.71 22.89 -8.32
N LYS B 4 -37.18 -28.66 7.50
CA LYS B 4 -37.09 -28.08 8.84
C LYS B 4 -35.67 -27.55 9.12
N PRO B 5 -34.63 -28.39 9.04
CA PRO B 5 -33.28 -27.86 9.21
C PRO B 5 -32.81 -27.12 7.96
N THR B 6 -31.92 -26.15 8.15
CA THR B 6 -31.29 -25.50 7.01
C THR B 6 -30.62 -26.56 6.12
N MSE B 7 -30.83 -26.44 4.82
CA MSE B 7 -30.26 -27.39 3.88
C MSE B 7 -28.73 -27.41 3.92
O MSE B 7 -28.07 -26.37 3.92
CB MSE B 7 -30.73 -27.05 2.47
CG MSE B 7 -32.21 -26.78 2.40
SE MSE B 7 -32.72 -26.42 0.58
CE MSE B 7 -32.63 -28.25 -0.07
N LEU B 8 -28.18 -28.61 4.00
CA LEU B 8 -26.73 -28.78 3.91
C LEU B 8 -26.27 -28.83 2.45
N THR B 9 -27.14 -29.27 1.53
CA THR B 9 -26.77 -29.48 0.13
C THR B 9 -27.93 -29.03 -0.76
N PRO B 10 -28.05 -27.72 -0.98
CA PRO B 10 -29.25 -27.17 -1.65
C PRO B 10 -29.33 -27.48 -3.14
N LEU B 11 -28.26 -27.93 -3.77
CA LEU B 11 -28.31 -28.29 -5.19
C LEU B 11 -28.70 -29.75 -5.38
N GLU B 12 -29.23 -30.39 -4.33
CA GLU B 12 -29.69 -31.77 -4.37
C GLU B 12 -30.80 -31.96 -5.39
N ALA B 13 -30.90 -33.18 -5.90
CA ALA B 13 -31.97 -33.52 -6.82
C ALA B 13 -33.30 -33.59 -6.10
N GLY B 14 -34.35 -33.07 -6.74
CA GLY B 14 -35.69 -33.22 -6.23
C GLY B 14 -36.09 -32.32 -5.09
N VAL B 15 -35.40 -31.18 -4.90
CA VAL B 15 -35.84 -30.20 -3.92
C VAL B 15 -37.15 -29.57 -4.37
N GLU B 16 -37.12 -28.91 -5.53
CA GLU B 16 -38.31 -28.26 -6.09
C GLU B 16 -39.46 -29.25 -6.30
N GLU B 17 -39.14 -30.53 -6.51
CA GLU B 17 -40.20 -31.53 -6.65
C GLU B 17 -41.00 -31.67 -5.35
N GLU B 18 -40.31 -31.73 -4.21
CA GLU B 18 -40.95 -31.83 -2.91
C GLU B 18 -41.35 -30.48 -2.32
N ASP B 19 -40.87 -29.38 -2.90
CA ASP B 19 -41.09 -28.03 -2.37
C ASP B 19 -41.32 -27.09 -3.56
N ARG B 20 -42.60 -26.93 -3.92
CA ARG B 20 -42.94 -26.08 -5.06
C ARG B 20 -42.64 -24.61 -4.80
N GLN B 21 -42.42 -24.22 -3.54
CA GLN B 21 -42.07 -22.84 -3.22
C GLN B 21 -40.58 -22.56 -3.36
N PHE B 22 -39.76 -23.58 -3.63
CA PHE B 22 -38.31 -23.40 -3.67
C PHE B 22 -37.89 -22.82 -5.02
N VAL B 23 -37.16 -21.71 -5.01
CA VAL B 23 -36.78 -21.03 -6.24
C VAL B 23 -35.36 -21.45 -6.60
N THR B 24 -35.26 -22.43 -7.49
CA THR B 24 -33.98 -23.08 -7.80
C THR B 24 -32.95 -22.09 -8.33
N ALA B 25 -33.35 -21.18 -9.22
CA ALA B 25 -32.38 -20.28 -9.83
C ALA B 25 -31.73 -19.37 -8.79
N LEU B 26 -32.48 -18.98 -7.77
CA LEU B 26 -31.89 -18.20 -6.68
C LEU B 26 -30.88 -19.03 -5.91
N ALA B 27 -31.22 -20.29 -5.57
CA ALA B 27 -30.29 -21.16 -4.87
C ALA B 27 -29.02 -21.38 -5.68
N ARG B 28 -29.17 -21.63 -6.99
CA ARG B 28 -27.99 -21.86 -7.82
C ARG B 28 -27.10 -20.61 -7.90
N GLY B 29 -27.70 -19.44 -8.07
CA GLY B 29 -26.88 -18.23 -8.17
C GLY B 29 -26.13 -17.92 -6.89
N LEU B 30 -26.77 -18.12 -5.75
CA LEU B 30 -26.05 -17.94 -4.49
C LEU B 30 -24.98 -19.03 -4.27
N GLU B 31 -25.24 -20.26 -4.74
CA GLU B 31 -24.20 -21.28 -4.63
C GLU B 31 -22.99 -20.95 -5.51
N VAL B 32 -23.18 -20.23 -6.62
CA VAL B 32 -22.05 -19.73 -7.40
C VAL B 32 -21.17 -18.80 -6.56
N LEU B 33 -21.78 -17.86 -5.83
CA LEU B 33 -20.97 -16.95 -5.01
C LEU B 33 -20.21 -17.70 -3.94
N ARG B 34 -20.79 -18.79 -3.43
CA ARG B 34 -20.11 -19.55 -2.39
C ARG B 34 -18.86 -20.27 -2.90
N CYS B 35 -18.71 -20.44 -4.23
CA CYS B 35 -17.55 -21.12 -4.81
C CYS B 35 -16.24 -20.41 -4.54
N PHE B 36 -16.28 -19.10 -4.34
CA PHE B 36 -15.05 -18.34 -4.22
C PHE B 36 -14.48 -18.48 -2.82
N THR B 37 -13.18 -18.70 -2.73
CA THR B 37 -12.44 -18.84 -1.47
C THR B 37 -11.22 -17.95 -1.52
N PRO B 38 -10.56 -17.71 -0.38
CA PRO B 38 -9.31 -16.96 -0.41
C PRO B 38 -8.28 -17.52 -1.37
N THR B 39 -8.14 -18.85 -1.43
CA THR B 39 -7.19 -19.46 -2.36
C THR B 39 -7.72 -19.45 -3.80
N GLU B 40 -9.04 -19.58 -3.97
CA GLU B 40 -9.66 -19.62 -5.29
C GLU B 40 -10.59 -18.41 -5.41
N ASN B 41 -9.98 -17.25 -5.62
CA ASN B 41 -10.68 -15.97 -5.64
C ASN B 41 -11.00 -15.49 -7.04
N THR B 42 -10.47 -16.16 -8.07
CA THR B 42 -10.71 -15.84 -9.48
C THR B 42 -11.11 -17.14 -10.17
N LEU B 43 -12.26 -17.13 -10.85
CA LEU B 43 -12.81 -18.38 -11.37
C LEU B 43 -13.54 -18.12 -12.67
N GLY B 44 -13.46 -19.07 -13.61
CA GLY B 44 -14.22 -19.01 -14.84
C GLY B 44 -15.47 -19.88 -14.77
N ASN B 45 -16.28 -19.79 -15.83
CA ASN B 45 -17.54 -20.52 -15.89
C ASN B 45 -17.32 -22.03 -15.77
N GLN B 46 -16.29 -22.56 -16.43
CA GLN B 46 -16.08 -24.00 -16.42
C GLN B 46 -15.72 -24.50 -15.02
N GLU B 47 -14.83 -23.81 -14.32
CA GLU B 47 -14.48 -24.23 -12.95
C GLU B 47 -15.67 -24.10 -12.01
N ILE B 48 -16.46 -23.04 -12.14
CA ILE B 48 -17.67 -22.93 -11.34
C ILE B 48 -18.61 -24.09 -11.65
N ALA B 49 -18.77 -24.41 -12.92
CA ALA B 49 -19.56 -25.57 -13.31
C ALA B 49 -19.04 -26.84 -12.62
N HIS B 50 -17.71 -27.04 -12.63
CA HIS B 50 -17.15 -28.23 -11.99
C HIS B 50 -17.37 -28.22 -10.47
N LYS B 51 -17.25 -27.06 -9.82
CA LYS B 51 -17.45 -27.00 -8.38
C LYS B 51 -18.91 -27.20 -7.99
N THR B 52 -19.86 -26.59 -8.71
CA THR B 52 -21.27 -26.69 -8.36
C THR B 52 -21.96 -27.94 -8.91
N GLY B 53 -21.34 -28.67 -9.84
CA GLY B 53 -22.04 -29.73 -10.54
C GLY B 53 -23.09 -29.27 -11.53
N LEU B 54 -23.22 -27.96 -11.77
CA LEU B 54 -24.20 -27.40 -12.70
C LEU B 54 -23.66 -27.39 -14.12
N PRO B 55 -24.52 -27.51 -15.13
CA PRO B 55 -24.05 -27.40 -16.52
C PRO B 55 -23.40 -26.04 -16.75
N LYS B 56 -22.33 -26.04 -17.54
CA LYS B 56 -21.64 -24.78 -17.82
C LYS B 56 -22.56 -23.73 -18.46
N PRO B 57 -23.45 -24.07 -19.40
CA PRO B 57 -24.37 -23.03 -19.92
C PRO B 57 -25.37 -22.53 -18.88
N THR B 58 -25.63 -23.29 -17.81
CA THR B 58 -26.43 -22.75 -16.73
C THR B 58 -25.63 -21.73 -15.93
N VAL B 59 -24.36 -22.07 -15.63
CA VAL B 59 -23.47 -21.18 -14.88
C VAL B 59 -23.27 -19.86 -15.63
N SER B 60 -23.13 -19.92 -16.94
CA SER B 60 -22.78 -18.70 -17.66
C SER B 60 -23.88 -17.65 -17.54
N ARG B 61 -25.15 -18.08 -17.47
CA ARG B 61 -26.23 -17.12 -17.30
C ARG B 61 -26.28 -16.59 -15.88
N LEU B 62 -25.96 -17.44 -14.90
CA LEU B 62 -25.91 -16.97 -13.52
C LEU B 62 -24.80 -15.94 -13.32
N THR B 63 -23.59 -16.24 -13.80
CA THR B 63 -22.49 -15.30 -13.58
C THR B 63 -22.71 -14.00 -14.33
N HIS B 64 -23.20 -14.10 -15.57
CA HIS B 64 -23.64 -12.91 -16.31
C HIS B 64 -24.56 -12.05 -15.47
N THR B 65 -25.61 -12.67 -14.88
CA THR B 65 -26.57 -11.91 -14.07
C THR B 65 -25.91 -11.33 -12.83
N LEU B 66 -25.03 -12.09 -12.16
CA LEU B 66 -24.35 -11.57 -10.97
C LEU B 66 -23.45 -10.38 -11.32
N VAL B 67 -22.78 -10.42 -12.49
CA VAL B 67 -22.01 -9.25 -12.91
C VAL B 67 -22.93 -8.04 -13.08
N ARG B 68 -24.03 -8.20 -13.84
CA ARG B 68 -24.90 -7.04 -14.06
C ARG B 68 -25.48 -6.50 -12.75
N LEU B 69 -25.66 -7.33 -11.74
CA LEU B 69 -26.17 -6.90 -10.45
C LEU B 69 -25.11 -6.36 -9.50
N GLY B 70 -23.82 -6.47 -9.85
CA GLY B 70 -22.74 -6.00 -9.00
C GLY B 70 -22.26 -6.95 -7.92
N TYR B 71 -22.56 -8.25 -8.01
CA TYR B 71 -22.02 -9.20 -7.03
C TYR B 71 -20.79 -9.95 -7.52
N LEU B 72 -20.59 -10.02 -8.83
CA LEU B 72 -19.34 -10.47 -9.42
C LEU B 72 -18.83 -9.33 -10.30
N ARG B 73 -17.55 -9.33 -10.57
CA ARG B 73 -17.00 -8.49 -11.61
C ARG B 73 -16.12 -9.35 -12.50
N GLN B 74 -15.92 -8.90 -13.73
CA GLN B 74 -15.25 -9.69 -14.74
C GLN B 74 -14.06 -8.93 -15.31
N ASP B 75 -12.92 -9.60 -15.41
CA ASP B 75 -11.72 -8.97 -15.91
C ASP B 75 -11.80 -8.83 -17.43
N ALA B 76 -11.37 -7.67 -17.92
CA ALA B 76 -11.56 -7.33 -19.34
C ALA B 76 -10.86 -8.33 -20.25
N LEU B 77 -9.61 -8.67 -19.95
CA LEU B 77 -8.83 -9.54 -20.82
C LEU B 77 -8.98 -11.01 -20.49
N SER B 78 -9.00 -11.37 -19.21
CA SER B 78 -9.02 -12.78 -18.83
C SER B 78 -10.41 -13.39 -18.90
N GLY B 79 -11.47 -12.58 -18.79
CA GLY B 79 -12.81 -13.11 -18.70
C GLY B 79 -13.13 -13.84 -17.42
N LEU B 80 -12.19 -13.90 -16.47
CA LEU B 80 -12.47 -14.56 -15.20
C LEU B 80 -13.25 -13.64 -14.27
N TYR B 81 -14.01 -14.26 -13.36
CA TYR B 81 -14.83 -13.54 -12.40
C TYR B 81 -14.20 -13.51 -11.01
N GLN B 82 -14.55 -12.46 -10.26
CA GLN B 82 -14.22 -12.32 -8.84
C GLN B 82 -15.41 -11.72 -8.12
N LEU B 83 -15.50 -11.97 -6.81
CA LEU B 83 -16.53 -11.31 -5.98
C LEU B 83 -16.40 -9.79 -6.02
N ASP B 84 -17.54 -9.10 -5.88
CA ASP B 84 -17.56 -7.64 -5.97
C ASP B 84 -18.37 -7.13 -4.78
N ILE B 85 -18.36 -5.81 -4.58
CA ILE B 85 -18.60 -5.31 -3.23
C ILE B 85 -20.06 -5.24 -2.80
N GLY B 86 -21.04 -5.60 -3.65
CA GLY B 86 -22.40 -5.76 -3.14
C GLY B 86 -22.46 -6.71 -1.95
N ILE B 87 -21.60 -7.72 -1.98
CA ILE B 87 -21.60 -8.77 -0.97
C ILE B 87 -21.17 -8.23 0.41
N LEU B 88 -20.22 -7.29 0.40
CA LEU B 88 -19.78 -6.66 1.64
C LEU B 88 -20.93 -5.95 2.30
N ARG B 89 -21.78 -5.34 1.47
CA ARG B 89 -22.91 -4.57 1.94
C ARG B 89 -23.89 -5.44 2.70
N LEU B 90 -24.25 -6.59 2.11
CA LEU B 90 -25.14 -7.51 2.80
C LEU B 90 -24.55 -7.96 4.13
N GLY B 91 -23.26 -8.34 4.11
CA GLY B 91 -22.63 -8.87 5.31
C GLY B 91 -22.73 -7.93 6.48
N TYR B 92 -22.52 -6.65 6.23
CA TYR B 92 -22.64 -5.68 7.31
C TYR B 92 -24.10 -5.45 7.73
N ALA B 93 -25.04 -5.52 6.79
CA ALA B 93 -26.45 -5.43 7.18
C ALA B 93 -26.82 -6.59 8.10
N MSE B 94 -26.22 -7.75 7.87
CA MSE B 94 -26.45 -8.95 8.70
C MSE B 94 -25.83 -8.82 10.10
O MSE B 94 -26.53 -8.89 11.12
CB MSE B 94 -25.89 -10.19 8.02
CG MSE B 94 -26.37 -11.46 8.74
SE MSE B 94 -25.08 -12.05 10.09
CE MSE B 94 -26.35 -12.10 11.58
N LEU B 95 -24.50 -8.61 10.14
CA LEU B 95 -23.75 -8.29 11.35
C LEU B 95 -24.45 -7.24 12.21
N SER B 96 -25.11 -6.26 11.58
CA SER B 96 -25.70 -5.18 12.36
C SER B 96 -26.89 -5.62 13.20
N ASN B 97 -27.53 -6.76 12.90
CA ASN B 97 -28.68 -7.15 13.70
C ASN B 97 -28.26 -7.95 14.93
N LEU B 98 -26.95 -8.16 15.13
CA LEU B 98 -26.40 -8.79 16.33
C LEU B 98 -26.24 -7.74 17.44
N MSE B 99 -27.34 -7.49 18.15
CA MSE B 99 -27.37 -6.49 19.22
C MSE B 99 -26.41 -6.87 20.35
O MSE B 99 -25.90 -6.00 21.04
CB MSE B 99 -28.78 -6.32 19.78
CG MSE B 99 -29.83 -5.85 18.78
SE MSE B 99 -29.63 -3.98 18.37
CE MSE B 99 -28.31 -4.10 16.94
N ILE B 100 -26.19 -8.17 20.50
CA ILE B 100 -25.39 -8.72 21.60
C ILE B 100 -23.96 -8.18 21.61
N ARG B 101 -23.45 -7.70 20.48
CA ARG B 101 -22.05 -7.28 20.43
C ARG B 101 -21.76 -6.09 21.34
N THR B 102 -22.73 -5.20 21.58
CA THR B 102 -22.42 -4.07 22.46
C THR B 102 -22.19 -4.52 23.91
N VAL B 103 -22.81 -5.62 24.33
CA VAL B 103 -22.51 -6.19 25.64
C VAL B 103 -21.28 -7.10 25.55
N ALA B 104 -21.25 -7.98 24.54
CA ALA B 104 -20.23 -9.04 24.51
C ALA B 104 -18.83 -8.48 24.20
N SER B 105 -18.75 -7.49 23.31
CA SER B 105 -17.44 -7.06 22.81
C SER B 105 -16.55 -6.47 23.91
N PRO B 106 -17.01 -5.59 24.78
CA PRO B 106 -16.12 -5.14 25.85
C PRO B 106 -15.74 -6.25 26.83
N LEU B 107 -16.64 -7.19 27.13
CA LEU B 107 -16.26 -8.31 27.99
C LEU B 107 -15.22 -9.20 27.28
N MSE B 108 -15.36 -9.36 25.98
CA MSE B 108 -14.41 -10.16 25.21
C MSE B 108 -13.03 -9.51 25.20
O MSE B 108 -12.00 -10.19 25.36
CB MSE B 108 -14.93 -10.36 23.79
CG MSE B 108 -16.13 -11.31 23.74
SE MSE B 108 -17.05 -11.12 21.98
CE MSE B 108 -15.69 -11.94 20.94
N GLN B 109 -13.01 -8.18 25.08
CA GLN B 109 -11.75 -7.42 25.11
C GLN B 109 -11.00 -7.65 26.41
N VAL B 110 -11.72 -7.68 27.55
CA VAL B 110 -11.08 -7.89 28.85
C VAL B 110 -10.44 -9.27 28.92
N LEU B 111 -11.14 -10.29 28.41
CA LEU B 111 -10.53 -11.62 28.42
C LEU B 111 -9.35 -11.69 27.46
N ALA B 112 -9.49 -11.10 26.26
CA ALA B 112 -8.39 -11.13 25.29
C ALA B 112 -7.15 -10.42 25.84
N ASP B 113 -7.33 -9.34 26.60
CA ASP B 113 -6.18 -8.67 27.22
C ASP B 113 -5.53 -9.57 28.28
N TYR B 114 -6.34 -10.19 29.14
CA TYR B 114 -5.80 -11.04 30.19
C TYR B 114 -5.07 -12.23 29.61
N ALA B 115 -5.70 -12.92 28.65
CA ALA B 115 -5.14 -14.14 28.08
C ALA B 115 -4.02 -13.88 27.08
N LYS B 116 -3.91 -12.64 26.59
CA LYS B 116 -3.03 -12.35 25.45
C LYS B 116 -3.31 -13.32 24.32
N ALA B 117 -4.59 -13.41 23.96
CA ALA B 117 -5.06 -14.39 22.98
C ALA B 117 -6.38 -13.88 22.41
N ALA B 118 -6.71 -14.34 21.20
CA ALA B 118 -7.94 -13.90 20.55
C ALA B 118 -9.15 -14.53 21.21
N VAL B 119 -10.21 -13.74 21.30
CA VAL B 119 -11.51 -14.20 21.76
C VAL B 119 -12.50 -13.93 20.63
N ALA B 120 -13.31 -14.92 20.30
CA ALA B 120 -14.23 -14.75 19.18
C ALA B 120 -15.63 -15.20 19.58
N MSE B 121 -16.61 -14.75 18.80
CA MSE B 121 -17.97 -15.22 18.92
C MSE B 121 -18.36 -15.83 17.57
O MSE B 121 -18.08 -15.23 16.52
CB MSE B 121 -18.92 -14.09 19.34
CG MSE B 121 -20.40 -14.47 19.40
SE MSE B 121 -21.47 -12.89 19.89
CE MSE B 121 -21.86 -12.19 18.13
N ALA B 122 -18.97 -17.01 17.60
CA ALA B 122 -19.24 -17.73 16.35
C ALA B 122 -20.62 -18.34 16.41
N ALA B 123 -21.14 -18.69 15.22
CA ALA B 123 -22.40 -19.40 15.06
C ALA B 123 -22.28 -20.37 13.88
N ARG B 124 -23.17 -21.37 13.84
CA ARG B 124 -23.07 -22.41 12.82
C ARG B 124 -23.76 -21.98 11.52
N ASP B 125 -23.11 -22.27 10.40
CA ASP B 125 -23.80 -22.26 9.11
C ASP B 125 -23.44 -23.55 8.39
N ARG B 126 -24.46 -24.34 8.08
CA ARG B 126 -24.32 -25.66 7.48
C ARG B 126 -23.35 -26.50 8.31
N LEU B 127 -22.17 -26.82 7.78
CA LEU B 127 -21.25 -27.72 8.48
C LEU B 127 -20.04 -26.99 9.03
N SER B 128 -20.13 -25.67 9.21
CA SER B 128 -18.99 -24.89 9.64
C SER B 128 -19.46 -23.90 10.71
N MSE B 129 -18.50 -23.42 11.49
CA MSE B 129 -18.74 -22.32 12.43
C MSE B 129 -18.27 -21.08 11.71
O MSE B 129 -17.27 -21.15 11.00
CB MSE B 129 -17.98 -22.49 13.76
CG MSE B 129 -18.37 -23.78 14.54
SE MSE B 129 -20.29 -23.79 14.92
CE MSE B 129 -20.29 -22.26 16.16
N VAL B 130 -18.95 -19.95 11.90
CA VAL B 130 -18.58 -18.68 11.27
C VAL B 130 -18.29 -17.67 12.36
N TYR B 131 -17.15 -16.99 12.27
CA TYR B 131 -16.83 -15.93 13.22
C TYR B 131 -17.71 -14.69 12.97
N LEU B 132 -18.44 -14.27 14.00
CA LEU B 132 -19.27 -13.07 13.98
C LEU B 132 -18.58 -11.87 14.60
N ASP B 133 -17.64 -12.08 15.51
CA ASP B 133 -16.90 -10.97 16.09
C ASP B 133 -15.63 -11.58 16.65
N VAL B 134 -14.53 -10.85 16.55
CA VAL B 134 -13.22 -11.30 17.01
C VAL B 134 -12.53 -10.12 17.63
N VAL B 135 -11.89 -10.32 18.78
CA VAL B 135 -11.01 -9.31 19.36
C VAL B 135 -9.68 -9.97 19.69
N GLN B 136 -8.60 -9.26 19.38
CA GLN B 136 -7.26 -9.70 19.70
C GLN B 136 -6.79 -8.97 20.95
N GLY B 137 -6.06 -9.69 21.79
CA GLY B 137 -5.53 -9.10 23.01
C GLY B 137 -4.66 -7.88 22.76
N GLU B 138 -4.36 -7.13 23.82
CA GLU B 138 -3.44 -5.99 23.70
C GLU B 138 -2.04 -6.46 23.32
N THR B 142 -4.00 -10.72 12.99
CA THR B 142 -3.72 -9.31 13.23
C THR B 142 -4.13 -8.46 12.02
N MSE B 143 -3.32 -8.45 10.95
CA MSE B 143 -3.68 -7.72 9.73
C MSE B 143 -4.89 -8.35 9.02
O MSE B 143 -5.85 -7.65 8.68
CB MSE B 143 -2.48 -7.63 8.77
CG MSE B 143 -2.80 -7.28 7.30
SE MSE B 143 -2.80 -5.38 6.75
CE MSE B 143 -0.92 -4.93 7.00
N ARG B 144 -4.86 -9.67 8.82
CA ARG B 144 -5.98 -10.36 8.17
C ARG B 144 -7.22 -10.34 9.06
N ARG B 145 -8.35 -9.91 8.49
CA ARG B 145 -9.59 -9.78 9.24
C ARG B 145 -10.34 -11.10 9.23
N GLN B 146 -10.92 -11.46 10.39
CA GLN B 146 -11.42 -12.80 10.61
C GLN B 146 -12.93 -12.88 10.72
N ILE B 147 -13.64 -11.76 10.84
CA ILE B 147 -15.10 -11.83 10.78
C ILE B 147 -15.51 -12.45 9.45
N GLY B 148 -16.42 -13.42 9.51
CA GLY B 148 -16.79 -14.18 8.34
C GLY B 148 -15.93 -15.40 8.05
N SER B 149 -14.76 -15.53 8.69
CA SER B 149 -13.93 -16.75 8.61
C SER B 149 -14.74 -17.95 9.08
N THR B 150 -14.33 -19.14 8.64
CA THR B 150 -15.05 -20.35 9.05
C THR B 150 -14.09 -21.40 9.60
N LEU B 151 -14.65 -22.28 10.43
CA LEU B 151 -13.95 -23.41 11.04
C LEU B 151 -14.85 -24.62 10.92
N PRO B 152 -14.29 -25.83 10.82
CA PRO B 152 -15.13 -27.03 10.71
C PRO B 152 -15.71 -27.39 12.07
N LEU B 153 -16.84 -28.11 12.03
CA LEU B 153 -17.57 -28.43 13.26
C LEU B 153 -16.79 -29.37 14.17
N ALA B 154 -16.32 -30.50 13.63
CA ALA B 154 -15.98 -31.62 14.52
C ALA B 154 -14.68 -31.40 15.27
N GLY B 155 -13.71 -30.72 14.66
CA GLY B 155 -12.39 -30.64 15.29
C GLY B 155 -12.15 -29.41 16.16
N SER B 156 -12.92 -28.35 15.94
CA SER B 156 -12.65 -27.09 16.59
C SER B 156 -13.41 -26.99 17.91
N SER B 157 -12.88 -26.17 18.83
CA SER B 157 -13.57 -26.02 20.10
C SER B 157 -14.92 -25.35 19.90
N VAL B 158 -14.99 -24.35 19.00
CA VAL B 158 -16.28 -23.69 18.78
C VAL B 158 -17.28 -24.67 18.22
N GLY B 159 -16.87 -25.49 17.25
CA GLY B 159 -17.77 -26.49 16.69
C GLY B 159 -18.20 -27.54 17.71
N ARG B 160 -17.29 -27.94 18.59
CA ARG B 160 -17.65 -28.95 19.58
C ARG B 160 -18.64 -28.40 20.60
N ALA B 161 -18.40 -27.18 21.09
CA ALA B 161 -19.34 -26.54 22.00
C ALA B 161 -20.70 -26.39 21.34
N CYS B 162 -20.71 -26.04 20.04
CA CYS B 162 -21.97 -25.87 19.33
C CYS B 162 -22.74 -27.18 19.28
N LEU B 163 -22.06 -28.28 18.94
CA LEU B 163 -22.74 -29.56 18.90
C LEU B 163 -23.22 -29.96 20.30
N ALA B 164 -22.43 -29.65 21.32
CA ALA B 164 -22.81 -30.02 22.67
C ALA B 164 -24.08 -29.33 23.13
N ALA B 165 -24.31 -28.08 22.71
CA ALA B 165 -25.45 -27.30 23.19
C ALA B 165 -26.69 -27.43 22.32
N MSE B 166 -26.56 -28.00 21.13
CA MSE B 166 -27.67 -28.39 20.26
C MSE B 166 -28.68 -29.37 20.87
O MSE B 166 -28.30 -30.25 21.65
CB MSE B 166 -27.13 -29.07 19.01
CG MSE B 166 -26.98 -28.22 17.81
SE MSE B 166 -26.35 -29.43 16.43
CE MSE B 166 -25.18 -28.05 15.71
N PRO B 167 -29.93 -29.26 20.47
CA PRO B 167 -30.89 -30.35 20.69
C PRO B 167 -30.35 -31.65 20.09
N GLU B 168 -30.62 -32.76 20.78
CA GLU B 168 -29.94 -34.03 20.48
C GLU B 168 -30.33 -34.60 19.13
N ASP B 169 -31.55 -34.32 18.64
CA ASP B 169 -31.94 -34.79 17.31
C ASP B 169 -31.19 -34.02 16.22
N GLU B 170 -31.09 -32.70 16.38
CA GLU B 170 -30.37 -31.86 15.43
C GLU B 170 -28.88 -32.21 15.38
N ARG B 171 -28.30 -32.60 16.52
CA ARG B 171 -26.90 -33.02 16.52
C ARG B 171 -26.71 -34.31 15.75
N THR B 172 -27.58 -35.31 16.01
CA THR B 172 -27.47 -36.59 15.34
C THR B 172 -27.51 -36.43 13.83
N PHE B 173 -28.42 -35.57 13.34
CA PHE B 173 -28.56 -35.34 11.90
C PHE B 173 -27.27 -34.82 11.29
N ILE B 174 -26.68 -33.80 11.91
CA ILE B 174 -25.47 -33.18 11.38
C ILE B 174 -24.33 -34.19 11.36
N LEU B 175 -24.13 -34.88 12.48
CA LEU B 175 -23.10 -35.91 12.54
C LEU B 175 -23.31 -36.99 11.51
N GLU B 176 -24.56 -37.42 11.30
CA GLU B 176 -24.83 -38.39 10.23
C GLU B 176 -24.29 -37.89 8.91
N HIS B 177 -24.47 -36.60 8.65
CA HIS B 177 -23.98 -36.02 7.40
C HIS B 177 -22.46 -35.96 7.37
N ILE B 178 -21.83 -35.53 8.47
CA ILE B 178 -20.38 -35.52 8.55
C ILE B 178 -19.83 -36.95 8.46
N ARG B 179 -20.49 -37.89 9.15
CA ARG B 179 -20.10 -39.30 9.05
C ARG B 179 -19.99 -39.74 7.60
N GLU B 180 -20.95 -39.31 6.76
CA GLU B 180 -20.94 -39.71 5.35
C GLU B 180 -19.79 -39.09 4.58
N ARG B 181 -19.31 -37.93 4.98
CA ARG B 181 -18.22 -37.32 4.23
C ARG B 181 -16.84 -37.74 4.72
N GLU B 182 -16.76 -38.49 5.82
CA GLU B 182 -15.49 -38.85 6.46
C GLU B 182 -15.37 -40.36 6.61
N PRO B 183 -15.27 -41.10 5.50
CA PRO B 183 -15.27 -42.57 5.62
C PRO B 183 -14.03 -43.11 6.32
N GLU B 184 -12.90 -42.43 6.23
CA GLU B 184 -11.66 -42.95 6.80
C GLU B 184 -11.55 -42.64 8.29
N ASN B 185 -11.79 -41.40 8.66
CA ASN B 185 -11.44 -40.90 9.98
C ASN B 185 -12.63 -40.75 10.91
N TRP B 186 -13.83 -41.09 10.46
CA TRP B 186 -15.00 -40.90 11.31
C TRP B 186 -14.89 -41.55 12.69
N PRO B 187 -14.38 -42.78 12.85
CA PRO B 187 -14.22 -43.31 14.23
C PRO B 187 -13.31 -42.45 15.11
N SER B 188 -12.22 -41.92 14.55
CA SER B 188 -11.35 -41.00 15.29
C SER B 188 -12.07 -39.69 15.59
N ILE B 189 -12.69 -39.10 14.56
CA ILE B 189 -13.43 -37.85 14.76
C ILE B 189 -14.53 -38.05 15.80
N ARG B 190 -15.24 -39.19 15.72
CA ARG B 190 -16.36 -39.40 16.64
C ARG B 190 -15.88 -39.49 18.08
N LYS B 191 -14.75 -40.15 18.32
CA LYS B 191 -14.25 -40.30 19.69
C LYS B 191 -13.82 -38.95 20.26
N GLY B 192 -13.07 -38.17 19.48
CA GLY B 192 -12.75 -36.81 19.90
C GLY B 192 -13.99 -36.00 20.22
N LEU B 193 -15.01 -36.12 19.39
CA LEU B 193 -16.28 -35.45 19.66
C LEU B 193 -16.91 -35.94 20.96
N ASP B 194 -16.94 -37.26 21.17
CA ASP B 194 -17.50 -37.82 22.41
C ASP B 194 -16.79 -37.26 23.64
N ARG B 195 -15.44 -37.24 23.60
CA ARG B 195 -14.70 -36.72 24.75
C ARG B 195 -15.07 -35.27 25.03
N ALA B 196 -15.21 -34.46 23.97
CA ALA B 196 -15.57 -33.07 24.16
C ALA B 196 -16.98 -32.92 24.72
N LEU B 197 -17.91 -33.77 24.28
CA LEU B 197 -19.27 -33.71 24.81
C LEU B 197 -19.30 -34.07 26.29
N ARG B 198 -18.46 -35.02 26.72
CA ARG B 198 -18.33 -35.32 28.16
C ARG B 198 -17.80 -34.12 28.93
N ASP B 199 -16.81 -33.41 28.37
CA ASP B 199 -16.29 -32.20 28.99
C ASP B 199 -17.38 -31.15 29.17
N PHE B 200 -18.23 -30.96 28.17
CA PHE B 200 -19.32 -30.00 28.33
C PHE B 200 -20.25 -30.40 29.49
N GLU B 201 -20.63 -31.68 29.59
CA GLU B 201 -21.50 -32.09 30.69
C GLU B 201 -20.81 -31.88 32.03
N ASP B 202 -19.52 -32.16 32.09
CA ASP B 202 -18.79 -32.18 33.36
C ASP B 202 -18.29 -30.81 33.78
N TYR B 203 -17.85 -29.99 32.82
CA TYR B 203 -17.14 -28.76 33.10
C TYR B 203 -17.77 -27.54 32.44
N GLY B 204 -18.72 -27.72 31.54
CA GLY B 204 -19.35 -26.59 30.88
C GLY B 204 -18.54 -25.95 29.77
N TYR B 205 -17.48 -26.61 29.28
CA TYR B 205 -16.72 -26.10 28.13
C TYR B 205 -16.28 -27.28 27.27
N CYS B 206 -15.88 -26.97 26.02
CA CYS B 206 -15.20 -27.94 25.16
C CYS B 206 -13.81 -27.46 24.82
N LEU B 207 -12.88 -28.38 24.73
CA LEU B 207 -11.50 -28.09 24.35
C LEU B 207 -11.25 -28.54 22.92
N SER B 208 -10.24 -27.93 22.31
CA SER B 208 -9.62 -28.48 21.10
C SER B 208 -8.12 -28.27 21.31
N ILE B 209 -7.45 -29.33 21.75
CA ILE B 209 -6.00 -29.32 21.98
C ILE B 209 -5.37 -29.81 20.69
N GLY B 210 -5.03 -28.87 19.80
CA GLY B 210 -4.40 -29.23 18.55
C GLY B 210 -5.27 -30.02 17.61
N GLU B 211 -6.58 -30.10 17.83
CA GLU B 211 -7.47 -30.93 17.02
C GLU B 211 -8.14 -30.18 15.88
N TRP B 212 -7.91 -28.86 15.75
CA TRP B 212 -8.23 -28.16 14.52
C TRP B 212 -6.97 -27.90 13.71
N HIS B 213 -6.04 -27.09 14.24
CA HIS B 213 -4.67 -27.01 13.77
C HIS B 213 -3.74 -27.49 14.87
N ARG B 214 -2.69 -28.22 14.47
CA ARG B 214 -1.85 -28.91 15.45
C ARG B 214 -1.20 -27.94 16.43
N ASP B 215 -0.91 -26.72 16.00
CA ASP B 215 -0.19 -25.75 16.83
C ASP B 215 -1.12 -24.81 17.60
N VAL B 216 -2.42 -25.10 17.63
CA VAL B 216 -3.41 -24.21 18.24
C VAL B 216 -4.20 -24.97 19.29
N ASN B 217 -4.34 -24.38 20.47
CA ASN B 217 -5.23 -24.89 21.49
C ASN B 217 -6.33 -23.87 21.72
N SER B 218 -7.55 -24.34 21.97
CA SER B 218 -8.64 -23.41 22.24
C SER B 218 -9.63 -24.04 23.21
N VAL B 219 -10.38 -23.19 23.88
CA VAL B 219 -11.47 -23.64 24.73
C VAL B 219 -12.69 -22.83 24.31
N ALA B 220 -13.87 -23.44 24.39
CA ALA B 220 -15.07 -22.75 23.92
C ALA B 220 -16.25 -23.03 24.84
N VAL B 221 -17.13 -22.07 24.94
CA VAL B 221 -18.29 -22.18 25.84
C VAL B 221 -19.49 -21.70 25.04
N PRO B 222 -20.57 -22.47 24.97
CA PRO B 222 -21.74 -22.05 24.20
C PRO B 222 -22.70 -21.24 25.03
N LEU B 223 -23.58 -20.54 24.33
CA LEU B 223 -24.62 -19.72 24.94
C LEU B 223 -25.87 -19.91 24.11
N VAL B 224 -26.86 -20.61 24.66
CA VAL B 224 -28.11 -20.84 23.94
C VAL B 224 -28.95 -19.57 24.08
N HIS B 225 -29.04 -18.80 23.01
CA HIS B 225 -29.69 -17.50 23.06
C HIS B 225 -31.05 -17.53 22.38
N LYS B 226 -32.09 -17.09 23.11
CA LYS B 226 -33.47 -17.22 22.68
C LYS B 226 -33.76 -16.51 21.36
N GLN B 227 -32.97 -15.51 20.97
CA GLN B 227 -33.11 -14.90 19.65
C GLN B 227 -32.03 -15.34 18.66
N TYR B 228 -30.79 -15.48 19.12
CA TYR B 228 -29.69 -15.74 18.19
C TYR B 228 -29.48 -17.22 17.90
N GLY B 229 -30.07 -18.11 18.68
CA GLY B 229 -29.71 -19.51 18.62
C GLY B 229 -28.48 -19.80 19.45
N VAL B 230 -27.78 -20.88 19.09
CA VAL B 230 -26.55 -21.22 19.81
C VAL B 230 -25.44 -20.29 19.36
N LEU B 231 -24.90 -19.53 20.29
CA LEU B 231 -23.71 -18.73 20.04
C LEU B 231 -22.58 -19.40 20.77
N VAL B 232 -21.37 -19.34 20.22
CA VAL B 232 -20.22 -19.92 20.90
C VAL B 232 -19.13 -18.87 21.04
N PHE B 233 -18.53 -18.79 22.24
CA PHE B 233 -17.37 -17.94 22.45
C PHE B 233 -16.16 -18.81 22.68
N ASN B 234 -15.03 -18.43 22.08
CA ASN B 234 -13.83 -19.21 22.31
C ASN B 234 -12.68 -18.28 22.65
N CYS B 235 -11.59 -18.90 23.07
CA CYS B 235 -10.33 -18.23 23.33
C CYS B 235 -9.24 -19.24 23.01
N GLY B 236 -8.31 -18.84 22.18
CA GLY B 236 -7.29 -19.81 21.77
C GLY B 236 -6.13 -19.07 21.15
N GLY B 237 -5.09 -19.84 20.86
CA GLY B 237 -3.86 -19.29 20.34
C GLY B 237 -2.81 -20.36 20.22
N PRO B 238 -1.56 -19.96 20.06
CA PRO B 238 -0.47 -20.95 20.00
C PRO B 238 -0.45 -21.87 21.22
N SER B 239 -0.19 -23.15 20.97
CA SER B 239 -0.27 -24.17 22.00
C SER B 239 0.80 -23.98 23.08
N PHE B 240 2.03 -23.62 22.68
CA PHE B 240 3.08 -23.36 23.66
C PHE B 240 2.60 -22.34 24.69
N GLN B 241 1.80 -21.38 24.25
CA GLN B 241 1.35 -20.30 25.11
C GLN B 241 0.14 -20.71 25.94
N LEU B 242 -0.72 -21.56 25.39
CA LEU B 242 -1.96 -21.98 26.07
C LEU B 242 -2.03 -23.50 26.14
N PRO B 243 -1.24 -24.12 27.02
CA PRO B 243 -1.35 -25.57 27.20
C PRO B 243 -2.69 -25.92 27.83
N ARG B 244 -2.95 -27.23 27.89
CA ARG B 244 -4.25 -27.72 28.34
C ARG B 244 -4.55 -27.32 29.79
N GLU B 245 -3.56 -27.43 30.69
CA GLU B 245 -3.87 -27.12 32.08
C GLU B 245 -4.19 -25.64 32.27
N LYS B 246 -3.52 -24.76 31.53
CA LYS B 246 -3.85 -23.35 31.57
C LYS B 246 -5.27 -23.11 31.07
N LEU B 247 -5.68 -23.80 30.01
CA LEU B 247 -7.05 -23.67 29.54
C LEU B 247 -8.05 -24.28 30.54
N GLU B 248 -7.66 -25.32 31.27
CA GLU B 248 -8.58 -25.92 32.22
C GLU B 248 -8.56 -25.19 33.56
N ASP B 249 -7.38 -24.74 34.01
CA ASP B 249 -7.23 -24.04 35.29
C ASP B 249 -7.60 -22.57 35.21
N ASP B 250 -7.45 -21.95 34.05
CA ASP B 250 -7.46 -20.49 33.99
C ASP B 250 -8.41 -19.94 32.93
N ILE B 251 -8.12 -20.17 31.64
CA ILE B 251 -8.88 -19.50 30.57
C ILE B 251 -10.32 -20.03 30.50
N GLY B 252 -10.49 -21.34 30.52
CA GLY B 252 -11.82 -21.91 30.48
C GLY B 252 -12.74 -21.41 31.59
N PRO B 253 -12.25 -21.45 32.85
CA PRO B 253 -13.02 -20.81 33.93
C PRO B 253 -13.35 -19.34 33.69
N ARG B 254 -12.41 -18.55 33.18
CA ARG B 254 -12.74 -17.16 32.86
C ARG B 254 -13.77 -17.07 31.74
N LEU B 255 -13.64 -17.94 30.73
CA LEU B 255 -14.59 -17.90 29.63
C LEU B 255 -15.97 -18.32 30.09
N ILE B 256 -16.04 -19.26 31.03
CA ILE B 256 -17.33 -19.67 31.57
C ILE B 256 -18.01 -18.49 32.25
N GLU B 257 -17.25 -17.77 33.10
CA GLU B 257 -17.82 -16.61 33.79
C GLU B 257 -18.15 -15.51 32.79
N MSE B 258 -17.33 -15.33 31.76
CA MSE B 258 -17.61 -14.31 30.76
C MSE B 258 -18.95 -14.55 30.06
O MSE B 258 -19.77 -13.63 29.90
CB MSE B 258 -16.48 -14.24 29.73
CG MSE B 258 -16.60 -13.01 28.84
SE MSE B 258 -15.56 -13.12 27.18
CE MSE B 258 -16.65 -14.35 26.15
N VAL B 259 -19.18 -15.81 29.66
CA VAL B 259 -20.44 -16.13 29.00
C VAL B 259 -21.60 -15.98 29.97
N HIS B 260 -21.42 -16.37 31.23
N HIS B 260 -21.42 -16.39 31.23
CA HIS B 260 -22.48 -16.12 32.21
CA HIS B 260 -22.40 -16.15 32.27
C HIS B 260 -22.76 -14.62 32.32
C HIS B 260 -22.73 -14.66 32.37
N ASN B 261 -21.70 -13.80 32.34
CA ASN B 261 -21.90 -12.36 32.44
C ASN B 261 -22.63 -11.82 31.21
N ILE B 262 -22.30 -12.36 30.02
CA ILE B 262 -23.00 -11.95 28.81
C ILE B 262 -24.46 -12.36 28.88
N SER B 263 -24.71 -13.61 29.26
CA SER B 263 -26.06 -14.15 29.38
C SER B 263 -26.88 -13.45 30.45
N SER B 264 -26.25 -12.79 31.42
CA SER B 264 -26.98 -12.10 32.48
C SER B 264 -27.26 -10.65 32.14
N ALA B 265 -26.82 -10.18 30.98
CA ALA B 265 -26.92 -8.78 30.60
C ALA B 265 -27.67 -8.64 29.28
N VAL B 266 -28.35 -7.51 29.13
CA VAL B 266 -28.91 -7.10 27.84
C VAL B 266 -28.74 -5.58 27.68
N LYS C 4 33.19 -0.87 15.10
CA LYS C 4 33.53 -1.10 13.69
C LYS C 4 32.34 -1.49 12.79
N PRO C 5 31.31 -2.19 13.31
CA PRO C 5 30.07 -2.33 12.52
C PRO C 5 29.31 -1.01 12.44
N THR C 6 28.69 -0.79 11.28
CA THR C 6 27.93 0.44 11.05
C THR C 6 26.86 0.61 12.13
N MSE C 7 26.77 1.82 12.69
CA MSE C 7 25.80 2.06 13.76
C MSE C 7 24.34 1.95 13.30
O MSE C 7 23.94 2.55 12.28
CB MSE C 7 26.01 3.44 14.37
CG MSE C 7 27.46 3.78 14.71
SE MSE C 7 27.52 5.59 15.46
CE MSE C 7 26.83 5.13 17.21
N LEU C 8 23.55 1.24 14.08
CA LEU C 8 22.10 1.15 13.88
C LEU C 8 21.35 2.21 14.67
N THR C 9 21.91 2.67 15.79
CA THR C 9 21.26 3.65 16.67
C THR C 9 22.24 4.77 17.00
N PRO C 10 22.58 5.62 16.02
CA PRO C 10 23.64 6.61 16.24
C PRO C 10 23.28 7.70 17.25
N LEU C 11 22.02 7.83 17.65
CA LEU C 11 21.67 8.87 18.61
C LEU C 11 21.70 8.33 20.04
N GLU C 12 22.11 7.07 20.21
CA GLU C 12 22.27 6.43 21.53
C GLU C 12 23.13 7.24 22.49
N ALA C 13 23.09 6.88 23.77
CA ALA C 13 23.81 7.63 24.79
C ALA C 13 25.31 7.43 24.67
N GLY C 14 26.06 8.52 24.81
CA GLY C 14 27.48 8.46 25.07
C GLY C 14 28.37 8.06 23.91
N VAL C 15 27.99 8.39 22.68
CA VAL C 15 28.85 8.08 21.53
C VAL C 15 30.06 9.02 21.52
N GLU C 16 29.80 10.34 21.47
CA GLU C 16 30.88 11.33 21.41
C GLU C 16 31.82 11.24 22.62
N GLU C 17 31.37 10.67 23.73
CA GLU C 17 32.23 10.52 24.90
C GLU C 17 33.29 9.43 24.67
N GLU C 18 32.86 8.23 24.29
CA GLU C 18 33.78 7.14 23.97
C GLU C 18 34.64 7.43 22.74
N ASP C 19 34.32 8.47 21.97
CA ASP C 19 34.86 8.62 20.61
C ASP C 19 34.84 10.12 20.29
N ARG C 20 35.95 10.80 20.62
CA ARG C 20 36.06 12.26 20.44
C ARG C 20 35.96 12.67 18.96
N GLN C 21 36.23 11.75 18.04
CA GLN C 21 36.11 12.01 16.61
C GLN C 21 34.66 12.01 16.11
N PHE C 22 33.72 11.51 16.90
CA PHE C 22 32.32 11.43 16.46
C PHE C 22 31.66 12.81 16.56
N VAL C 23 31.10 13.28 15.44
CA VAL C 23 30.50 14.62 15.37
C VAL C 23 29.00 14.46 15.55
N THR C 24 28.53 14.72 16.77
CA THR C 24 27.13 14.47 17.12
C THR C 24 26.16 15.30 16.28
N ALA C 25 26.46 16.58 16.04
CA ALA C 25 25.54 17.42 15.26
C ALA C 25 25.35 16.90 13.84
N LEU C 26 26.40 16.33 13.24
CA LEU C 26 26.27 15.71 11.92
C LEU C 26 25.39 14.47 11.98
N ALA C 27 25.61 13.60 12.98
CA ALA C 27 24.74 12.42 13.16
C ALA C 27 23.28 12.84 13.31
N ARG C 28 23.03 13.91 14.07
CA ARG C 28 21.64 14.28 14.34
C ARG C 28 20.96 14.82 13.08
N GLY C 29 21.68 15.61 12.29
CA GLY C 29 21.12 16.09 11.02
C GLY C 29 20.83 14.97 10.04
N LEU C 30 21.73 13.99 9.94
CA LEU C 30 21.47 12.88 9.02
C LEU C 30 20.32 12.02 9.52
N GLU C 31 20.18 11.88 10.84
CA GLU C 31 19.02 11.18 11.40
C GLU C 31 17.72 11.91 11.07
N VAL C 32 17.73 13.26 11.08
CA VAL C 32 16.58 14.03 10.60
C VAL C 32 16.29 13.69 9.13
N LEU C 33 17.30 13.73 8.28
CA LEU C 33 17.05 13.43 6.86
C LEU C 33 16.54 12.01 6.68
N ARG C 34 16.97 11.07 7.53
CA ARG C 34 16.46 9.68 7.41
C ARG C 34 14.99 9.54 7.80
N CYS C 35 14.39 10.55 8.42
CA CYS C 35 12.97 10.48 8.77
C CYS C 35 12.08 10.48 7.54
N PHE C 36 12.58 11.05 6.44
CA PHE C 36 11.84 11.14 5.20
C PHE C 36 12.01 9.84 4.42
N THR C 37 10.90 9.26 4.00
CA THR C 37 11.01 8.00 3.29
C THR C 37 10.19 8.09 2.01
N PRO C 38 10.21 7.07 1.14
CA PRO C 38 9.33 7.10 -0.05
C PRO C 38 7.85 7.24 0.29
N THR C 39 7.40 6.81 1.46
CA THR C 39 5.98 6.91 1.81
C THR C 39 5.69 7.91 2.93
N GLU C 40 6.70 8.61 3.44
CA GLU C 40 6.52 9.68 4.42
C GLU C 40 7.25 10.90 3.86
N ASN C 41 6.55 11.70 3.05
CA ASN C 41 7.26 12.68 2.24
C ASN C 41 7.28 14.07 2.87
N THR C 42 6.42 14.32 3.84
CA THR C 42 6.15 15.65 4.38
C THR C 42 6.12 15.54 5.89
N LEU C 43 6.98 16.29 6.58
CA LEU C 43 7.10 16.22 8.02
C LEU C 43 7.35 17.62 8.59
N GLY C 44 6.78 17.87 9.76
CA GLY C 44 7.07 19.07 10.53
C GLY C 44 8.04 18.77 11.69
N ASN C 45 8.43 19.84 12.39
CA ASN C 45 9.42 19.71 13.46
C ASN C 45 8.94 18.73 14.54
N GLN C 46 7.65 18.75 14.90
CA GLN C 46 7.20 17.90 15.98
C GLN C 46 7.20 16.41 15.60
N GLU C 47 6.80 16.08 14.37
CA GLU C 47 6.92 14.69 13.91
C GLU C 47 8.38 14.25 13.92
N ILE C 48 9.29 15.14 13.53
CA ILE C 48 10.70 14.78 13.47
C ILE C 48 11.26 14.60 14.89
N ALA C 49 10.83 15.44 15.84
CA ALA C 49 11.24 15.25 17.23
C ALA C 49 10.75 13.92 17.77
N HIS C 50 9.50 13.57 17.45
CA HIS C 50 8.97 12.31 17.95
C HIS C 50 9.74 11.13 17.36
N LYS C 51 10.01 11.16 16.05
CA LYS C 51 10.70 10.05 15.39
C LYS C 51 12.14 9.90 15.88
N THR C 52 12.83 11.01 16.09
CA THR C 52 14.24 10.95 16.43
C THR C 52 14.51 10.91 17.93
N GLY C 53 13.55 11.32 18.75
CA GLY C 53 13.79 11.50 20.18
C GLY C 53 14.48 12.80 20.55
N LEU C 54 14.89 13.62 19.57
CA LEU C 54 15.57 14.87 19.88
C LEU C 54 14.59 15.94 20.35
N PRO C 55 15.03 16.86 21.21
CA PRO C 55 14.16 17.98 21.59
C PRO C 55 13.77 18.84 20.38
N LYS C 56 12.57 19.40 20.44
CA LYS C 56 12.08 20.26 19.36
C LYS C 56 12.99 21.45 19.02
N PRO C 57 13.58 22.20 19.97
CA PRO C 57 14.50 23.27 19.56
C PRO C 57 15.72 22.73 18.81
N THR C 58 16.16 21.51 19.13
CA THR C 58 17.29 20.92 18.44
C THR C 58 16.91 20.58 17.00
N VAL C 59 15.77 19.92 16.82
CA VAL C 59 15.27 19.63 15.49
C VAL C 59 15.12 20.92 14.69
N SER C 60 14.59 21.97 15.35
N SER C 60 14.58 21.96 15.33
CA SER C 60 14.37 23.25 14.66
CA SER C 60 14.33 23.21 14.61
C SER C 60 15.66 23.81 14.08
C SER C 60 15.61 23.82 14.07
N ARG C 61 16.76 23.74 14.82
N ARG C 61 16.73 23.71 14.80
CA ARG C 61 18.04 24.22 14.27
CA ARG C 61 18.00 24.21 14.27
C ARG C 61 18.48 23.35 13.09
C ARG C 61 18.47 23.35 13.09
N LEU C 62 18.31 22.03 13.20
CA LEU C 62 18.74 21.13 12.13
C LEU C 62 17.95 21.35 10.85
N THR C 63 16.62 21.44 10.95
CA THR C 63 15.82 21.65 9.75
C THR C 63 16.06 23.04 9.16
N HIS C 64 16.19 24.07 10.01
CA HIS C 64 16.53 25.40 9.50
C HIS C 64 17.82 25.36 8.68
N THR C 65 18.85 24.70 9.23
CA THR C 65 20.12 24.55 8.51
C THR C 65 19.92 23.81 7.18
N LEU C 66 19.18 22.70 7.21
CA LEU C 66 19.01 21.90 5.99
C LEU C 66 18.26 22.68 4.93
N VAL C 67 17.28 23.51 5.33
CA VAL C 67 16.59 24.37 4.36
C VAL C 67 17.54 25.42 3.77
N ARG C 68 18.33 26.08 4.61
N ARG C 68 18.33 26.09 4.62
CA ARG C 68 19.22 27.10 4.03
CA ARG C 68 19.26 27.09 4.09
C ARG C 68 20.21 26.48 3.06
C ARG C 68 20.20 26.47 3.06
N LEU C 69 20.57 25.22 3.27
CA LEU C 69 21.56 24.55 2.44
C LEU C 69 20.95 23.96 1.17
N GLY C 70 19.63 23.81 1.10
CA GLY C 70 18.99 23.23 -0.08
C GLY C 70 18.72 21.74 0.02
N TYR C 71 18.90 21.10 1.19
CA TYR C 71 18.56 19.68 1.36
C TYR C 71 17.12 19.46 1.78
N LEU C 72 16.51 20.43 2.45
CA LEU C 72 15.08 20.41 2.70
C LEU C 72 14.47 21.63 2.04
N ARG C 73 13.18 21.55 1.74
CA ARG C 73 12.42 22.74 1.39
C ARG C 73 11.28 22.86 2.38
N GLN C 74 10.80 24.08 2.59
CA GLN C 74 9.75 24.31 3.57
C GLN C 74 8.57 24.99 2.88
N ASP C 75 7.36 24.48 3.12
CA ASP C 75 6.19 25.15 2.58
C ASP C 75 5.91 26.42 3.39
N ALA C 76 5.73 27.55 2.67
CA ALA C 76 5.64 28.86 3.33
C ALA C 76 4.37 28.99 4.16
N LEU C 77 3.26 28.40 3.69
CA LEU C 77 2.02 28.46 4.47
C LEU C 77 2.04 27.49 5.65
N SER C 78 2.33 26.22 5.37
CA SER C 78 2.18 25.16 6.39
C SER C 78 3.40 25.01 7.31
N GLY C 79 4.58 25.45 6.89
CA GLY C 79 5.76 25.20 7.68
C GLY C 79 6.32 23.79 7.60
N LEU C 80 5.69 22.90 6.81
CA LEU C 80 6.16 21.52 6.70
C LEU C 80 7.33 21.40 5.74
N TYR C 81 8.17 20.37 5.96
CA TYR C 81 9.38 20.14 5.18
C TYR C 81 9.23 18.94 4.23
N GLN C 82 10.01 18.97 3.14
CA GLN C 82 10.21 17.85 2.25
C GLN C 82 11.67 17.85 1.84
N LEU C 83 12.18 16.66 1.46
CA LEU C 83 13.52 16.57 0.90
C LEU C 83 13.59 17.43 -0.37
N ASP C 84 14.75 18.03 -0.62
CA ASP C 84 14.90 18.88 -1.80
C ASP C 84 16.09 18.42 -2.65
N ILE C 85 16.25 19.11 -3.79
CA ILE C 85 17.14 18.72 -4.87
C ILE C 85 18.57 18.52 -4.40
N GLY C 86 19.00 19.31 -3.42
CA GLY C 86 20.38 19.17 -2.99
C GLY C 86 20.71 17.78 -2.46
N ILE C 87 19.69 17.01 -2.06
CA ILE C 87 19.96 15.63 -1.63
C ILE C 87 20.67 14.84 -2.74
N LEU C 88 20.30 15.08 -4.01
CA LEU C 88 20.89 14.30 -5.09
C LEU C 88 22.37 14.60 -5.32
N ARG C 89 22.83 15.77 -4.91
CA ARG C 89 24.24 16.15 -5.07
C ARG C 89 25.14 15.44 -4.08
N LEU C 90 24.58 14.76 -3.09
CA LEU C 90 25.38 13.96 -2.18
C LEU C 90 25.90 12.68 -2.83
N GLY C 91 25.44 12.34 -4.03
CA GLY C 91 26.05 11.24 -4.77
C GLY C 91 25.09 10.24 -5.40
N TYR C 92 23.80 10.54 -5.52
CA TYR C 92 22.85 9.55 -6.04
C TYR C 92 23.28 8.98 -7.41
N ALA C 93 23.61 9.85 -8.38
CA ALA C 93 23.93 9.36 -9.73
C ALA C 93 25.17 8.46 -9.76
N MSE C 94 26.21 8.81 -9.04
CA MSE C 94 27.38 7.95 -8.98
C MSE C 94 27.05 6.57 -8.40
O MSE C 94 27.53 5.57 -8.90
CB MSE C 94 28.47 8.61 -8.13
CG MSE C 94 29.04 9.85 -8.74
SE MSE C 94 30.11 10.77 -7.38
CE MSE C 94 31.20 9.32 -6.80
N LEU C 95 26.23 6.52 -7.36
CA LEU C 95 25.90 5.22 -6.76
C LEU C 95 24.95 4.42 -7.62
N SER C 96 24.19 5.07 -8.50
CA SER C 96 23.38 4.34 -9.47
C SER C 96 24.23 3.79 -10.60
N ASN C 97 25.52 4.16 -10.68
CA ASN C 97 26.40 3.82 -11.79
C ASN C 97 27.66 3.12 -11.32
N LEU C 98 27.54 2.23 -10.32
CA LEU C 98 28.71 1.48 -9.85
C LEU C 98 29.33 0.69 -10.99
N MSE C 99 30.65 0.64 -11.04
N MSE C 99 30.66 0.65 -11.00
CA MSE C 99 31.27 0.00 -12.20
CA MSE C 99 31.43 -0.02 -12.06
C MSE C 99 31.02 -1.53 -12.26
C MSE C 99 31.02 -1.49 -12.24
O MSE C 99 31.11 -2.15 -13.33
O MSE C 99 31.03 -2.04 -13.35
CB MSE C 99 32.78 0.29 -12.22
CB MSE C 99 32.91 0.10 -11.71
CG MSE C 99 33.14 1.72 -12.68
CG MSE C 99 33.85 0.27 -12.90
SE MSE C 99 32.47 2.17 -14.48
SE MSE C 99 35.64 0.79 -12.30
CE MSE C 99 33.29 0.74 -15.50
CE MSE C 99 35.80 -0.45 -10.79
N ILE C 100 30.66 -2.14 -11.12
CA ILE C 100 30.35 -3.56 -11.14
C ILE C 100 29.16 -3.84 -12.05
N ARG C 101 28.30 -2.84 -12.30
CA ARG C 101 27.19 -3.02 -13.24
C ARG C 101 27.65 -3.45 -14.61
N THR C 102 28.83 -3.03 -15.06
CA THR C 102 29.22 -3.42 -16.42
C THR C 102 29.52 -4.92 -16.51
N VAL C 103 29.86 -5.57 -15.41
CA VAL C 103 29.99 -7.03 -15.39
C VAL C 103 28.67 -7.70 -15.05
N ALA C 104 27.99 -7.19 -14.02
CA ALA C 104 26.81 -7.90 -13.51
C ALA C 104 25.62 -7.73 -14.43
N SER C 105 25.40 -6.52 -14.96
CA SER C 105 24.16 -6.23 -15.66
C SER C 105 23.90 -7.16 -16.84
N PRO C 106 24.86 -7.45 -17.73
CA PRO C 106 24.53 -8.35 -18.86
C PRO C 106 24.25 -9.76 -18.40
N LEU C 107 24.93 -10.23 -17.36
CA LEU C 107 24.63 -11.55 -16.81
C LEU C 107 23.26 -11.56 -16.16
N MSE C 108 22.87 -10.47 -15.51
CA MSE C 108 21.55 -10.41 -14.90
C MSE C 108 20.46 -10.40 -15.96
O MSE C 108 19.36 -10.93 -15.76
CB MSE C 108 21.44 -9.15 -14.01
CG MSE C 108 22.27 -9.24 -12.73
SE MSE C 108 22.63 -7.46 -11.91
CE MSE C 108 20.81 -6.86 -11.58
N GLN C 109 20.77 -9.75 -17.09
CA GLN C 109 19.81 -9.69 -18.18
C GLN C 109 19.53 -11.09 -18.75
N VAL C 110 20.58 -11.90 -18.94
CA VAL C 110 20.41 -13.27 -19.41
C VAL C 110 19.53 -14.07 -18.46
N LEU C 111 19.75 -13.95 -17.15
CA LEU C 111 18.92 -14.69 -16.21
C LEU C 111 17.49 -14.17 -16.19
N ALA C 112 17.33 -12.84 -16.16
CA ALA C 112 16.00 -12.24 -16.20
C ALA C 112 15.24 -12.67 -17.46
N ASP C 113 15.90 -12.69 -18.63
CA ASP C 113 15.24 -13.11 -19.86
C ASP C 113 14.82 -14.57 -19.77
N TYR C 114 15.74 -15.43 -19.30
CA TYR C 114 15.41 -16.85 -19.15
C TYR C 114 14.26 -17.06 -18.18
N ALA C 115 14.27 -16.36 -17.04
CA ALA C 115 13.31 -16.61 -15.99
C ALA C 115 12.02 -15.83 -16.17
N LYS C 116 11.99 -14.89 -17.12
CA LYS C 116 10.88 -13.95 -17.31
C LYS C 116 10.52 -13.25 -16.00
N ALA C 117 11.55 -12.83 -15.27
CA ALA C 117 11.34 -12.25 -13.97
C ALA C 117 12.46 -11.24 -13.68
N ALA C 118 12.22 -10.36 -12.70
CA ALA C 118 13.19 -9.33 -12.37
C ALA C 118 14.40 -9.89 -11.60
N VAL C 119 15.59 -9.44 -11.97
CA VAL C 119 16.84 -9.77 -11.29
C VAL C 119 17.42 -8.47 -10.75
N ALA C 120 17.81 -8.46 -9.48
CA ALA C 120 18.27 -7.23 -8.82
C ALA C 120 19.58 -7.47 -8.10
N MSE C 121 20.28 -6.37 -7.85
CA MSE C 121 21.48 -6.35 -7.05
C MSE C 121 21.26 -5.35 -5.89
O MSE C 121 20.80 -4.24 -6.12
CB MSE C 121 22.69 -5.95 -7.88
CG MSE C 121 23.98 -5.87 -7.10
SE MSE C 121 25.48 -5.31 -8.24
CE MSE C 121 24.93 -3.47 -8.75
N ALA C 122 21.56 -5.77 -4.65
CA ALA C 122 21.20 -5.03 -3.45
C ALA C 122 22.36 -5.07 -2.45
N ALA C 123 22.37 -4.10 -1.53
CA ALA C 123 23.28 -4.11 -0.39
C ALA C 123 22.56 -3.53 0.83
N ARG C 124 23.07 -3.84 2.00
CA ARG C 124 22.38 -3.48 3.24
C ARG C 124 22.66 -2.03 3.62
N ASP C 125 21.61 -1.36 4.13
CA ASP C 125 21.76 -0.09 4.88
C ASP C 125 20.87 -0.21 6.12
N ARG C 126 21.52 -0.29 7.29
CA ARG C 126 20.90 -0.50 8.61
C ARG C 126 20.08 -1.78 8.60
N LEU C 127 18.75 -1.66 8.70
CA LEU C 127 17.89 -2.84 8.74
C LEU C 127 17.11 -3.05 7.44
N SER C 128 17.61 -2.51 6.32
CA SER C 128 16.98 -2.66 5.01
C SER C 128 18.01 -3.07 3.96
N MSE C 129 17.52 -3.67 2.87
CA MSE C 129 18.29 -3.92 1.66
C MSE C 129 17.93 -2.84 0.65
O MSE C 129 16.76 -2.54 0.47
CB MSE C 129 17.97 -5.33 1.09
CG MSE C 129 18.35 -6.50 2.03
SE MSE C 129 20.21 -6.46 2.65
CE MSE C 129 21.09 -6.79 0.95
N VAL C 130 18.95 -2.21 0.05
CA VAL C 130 18.76 -1.13 -0.91
C VAL C 130 19.08 -1.68 -2.29
N TYR C 131 18.16 -1.51 -3.23
CA TYR C 131 18.40 -1.94 -4.63
C TYR C 131 19.39 -1.00 -5.34
N LEU C 132 20.51 -1.55 -5.82
CA LEU C 132 21.50 -0.80 -6.59
C LEU C 132 21.25 -0.90 -8.09
N ASP C 133 20.65 -1.98 -8.53
CA ASP C 133 20.38 -2.21 -9.94
C ASP C 133 19.28 -3.26 -10.04
N VAL C 134 18.45 -3.12 -11.06
CA VAL C 134 17.32 -4.00 -11.33
C VAL C 134 17.22 -4.15 -12.84
N VAL C 135 17.07 -5.38 -13.29
CA VAL C 135 16.90 -5.68 -14.71
C VAL C 135 15.67 -6.57 -14.84
N GLN C 136 14.82 -6.25 -15.79
CA GLN C 136 13.63 -7.05 -16.05
C GLN C 136 13.80 -7.84 -17.33
N GLY C 137 13.24 -9.05 -17.32
CA GLY C 137 13.27 -9.87 -18.52
C GLY C 137 12.68 -9.13 -19.70
N GLU C 138 13.22 -9.35 -20.89
CA GLU C 138 12.56 -8.89 -22.10
C GLU C 138 11.13 -9.39 -22.11
N GLY C 139 10.18 -8.48 -22.34
CA GLY C 139 8.77 -8.86 -22.28
C GLY C 139 8.28 -9.25 -20.90
N ASN C 140 8.83 -8.64 -19.85
CA ASN C 140 8.34 -8.84 -18.49
C ASN C 140 7.52 -7.61 -18.11
N MSE C 141 6.27 -7.84 -17.70
CA MSE C 141 5.33 -6.75 -17.46
C MSE C 141 5.06 -6.54 -15.98
O MSE C 141 4.01 -6.03 -15.59
CB MSE C 141 4.01 -7.03 -18.19
CG MSE C 141 4.17 -7.63 -19.57
SE MSE C 141 4.56 -6.33 -20.97
CE MSE C 141 3.08 -6.75 -22.18
N THR C 142 6.01 -6.97 -15.15
CA THR C 142 5.97 -6.66 -13.73
C THR C 142 6.50 -5.25 -13.50
N MSE C 143 5.82 -4.48 -12.67
CA MSE C 143 6.27 -3.14 -12.26
C MSE C 143 7.70 -3.19 -11.68
O MSE C 143 7.99 -4.00 -10.79
CB MSE C 143 5.28 -2.58 -11.23
CG MSE C 143 5.57 -1.19 -10.71
SE MSE C 143 4.86 -1.01 -8.88
CE MSE C 143 6.55 -1.18 -7.89
N ARG C 144 8.60 -2.35 -12.21
CA ARG C 144 9.98 -2.36 -11.77
C ARG C 144 10.13 -1.75 -10.38
N ARG C 145 10.93 -2.39 -9.52
CA ARG C 145 11.34 -1.75 -8.28
C ARG C 145 12.47 -0.75 -8.58
N GLN C 146 12.50 0.34 -7.84
CA GLN C 146 13.32 1.44 -8.27
C GLN C 146 14.71 1.42 -7.63
N ILE C 147 15.64 2.13 -8.26
CA ILE C 147 17.01 2.26 -7.77
C ILE C 147 16.98 3.02 -6.45
N GLY C 148 17.48 2.41 -5.38
CA GLY C 148 17.41 3.04 -4.07
C GLY C 148 16.18 2.72 -3.26
N SER C 149 15.19 2.02 -3.82
CA SER C 149 14.10 1.48 -3.01
C SER C 149 14.66 0.42 -2.08
N THR C 150 13.91 0.11 -1.03
CA THR C 150 14.40 -0.79 -0.01
C THR C 150 13.42 -1.94 0.24
N LEU C 151 13.93 -3.00 0.82
CA LEU C 151 13.18 -4.14 1.34
C LEU C 151 13.59 -4.39 2.77
N PRO C 152 12.67 -4.80 3.64
CA PRO C 152 13.05 -5.19 5.00
C PRO C 152 13.98 -6.39 4.99
N LEU C 153 14.81 -6.46 6.03
CA LEU C 153 15.84 -7.49 6.12
C LEU C 153 15.26 -8.89 6.31
N ALA C 154 14.38 -9.07 7.28
CA ALA C 154 14.13 -10.41 7.80
C ALA C 154 13.23 -11.28 6.93
N GLY C 155 12.36 -10.69 6.11
CA GLY C 155 11.39 -11.48 5.37
C GLY C 155 11.66 -11.59 3.88
N SER C 156 12.63 -10.83 3.38
CA SER C 156 12.97 -10.84 1.97
C SER C 156 14.07 -11.84 1.68
N SER C 157 14.06 -12.40 0.48
CA SER C 157 15.17 -13.25 0.09
C SER C 157 16.50 -12.50 0.14
N VAL C 158 16.52 -11.24 -0.30
CA VAL C 158 17.78 -10.50 -0.33
C VAL C 158 18.30 -10.28 1.09
N GLY C 159 17.41 -9.93 2.04
CA GLY C 159 17.85 -9.72 3.42
C GLY C 159 18.36 -10.99 4.08
N ARG C 160 17.71 -12.12 3.81
CA ARG C 160 18.11 -13.39 4.39
C ARG C 160 19.49 -13.80 3.89
N ALA C 161 19.73 -13.69 2.59
CA ALA C 161 21.03 -14.03 2.05
C ALA C 161 22.10 -13.11 2.61
N CYS C 162 21.77 -11.84 2.80
CA CYS C 162 22.72 -10.91 3.40
C CYS C 162 23.06 -11.37 4.81
N LEU C 163 22.03 -11.72 5.60
CA LEU C 163 22.28 -12.16 6.98
C LEU C 163 23.08 -13.44 7.00
N ALA C 164 22.88 -14.33 6.02
CA ALA C 164 23.54 -15.63 6.02
C ALA C 164 25.02 -15.52 5.68
N ALA C 165 25.40 -14.55 4.85
CA ALA C 165 26.79 -14.34 4.42
C ALA C 165 27.60 -13.58 5.45
N MSE C 166 26.93 -13.03 6.45
CA MSE C 166 27.57 -12.27 7.51
C MSE C 166 28.40 -13.10 8.47
O MSE C 166 28.13 -14.28 8.65
CB MSE C 166 26.51 -11.55 8.31
CG MSE C 166 26.51 -10.09 8.10
SE MSE C 166 25.01 -9.45 9.11
CE MSE C 166 24.24 -8.44 7.62
N PRO C 167 29.37 -12.44 9.11
CA PRO C 167 29.99 -13.04 10.29
C PRO C 167 28.96 -13.42 11.33
N GLU C 168 29.27 -14.48 12.09
CA GLU C 168 28.44 -14.96 13.18
C GLU C 168 27.95 -13.82 14.09
N ASP C 169 28.89 -13.02 14.60
CA ASP C 169 28.56 -12.03 15.63
C ASP C 169 27.75 -10.88 15.08
N GLU C 170 28.11 -10.36 13.90
CA GLU C 170 27.37 -9.25 13.31
C GLU C 170 25.91 -9.63 13.10
N ARG C 171 25.65 -10.84 12.58
CA ARG C 171 24.28 -11.32 12.42
C ARG C 171 23.53 -11.28 13.73
N THR C 172 24.13 -11.82 14.80
CA THR C 172 23.44 -11.88 16.08
C THR C 172 23.14 -10.48 16.61
N PHE C 173 24.10 -9.56 16.51
CA PHE C 173 23.88 -8.17 16.88
C PHE C 173 22.69 -7.55 16.14
N ILE C 174 22.65 -7.71 14.82
CA ILE C 174 21.52 -7.21 14.05
C ILE C 174 20.22 -7.87 14.49
N LEU C 175 20.25 -9.20 14.65
CA LEU C 175 19.05 -9.94 15.04
C LEU C 175 18.60 -9.59 16.45
N GLU C 176 19.54 -9.49 17.40
CA GLU C 176 19.19 -8.98 18.72
C GLU C 176 18.49 -7.65 18.60
N HIS C 177 18.94 -6.81 17.66
CA HIS C 177 18.32 -5.52 17.40
C HIS C 177 16.93 -5.66 16.79
N ILE C 178 16.73 -6.67 15.94
CA ILE C 178 15.42 -6.86 15.31
C ILE C 178 14.40 -7.43 16.29
N ARG C 179 14.87 -8.17 17.30
CA ARG C 179 14.00 -8.74 18.31
C ARG C 179 13.32 -7.67 19.17
N GLU C 180 13.88 -6.46 19.22
CA GLU C 180 13.33 -5.37 20.02
C GLU C 180 12.34 -4.52 19.24
N ARG C 181 12.64 -4.27 17.96
CA ARG C 181 11.70 -3.56 17.11
C ARG C 181 10.38 -4.30 16.98
N GLU C 182 10.39 -5.62 17.17
CA GLU C 182 9.22 -6.46 16.90
C GLU C 182 9.20 -7.65 17.85
N PRO C 183 8.75 -7.45 19.09
CA PRO C 183 8.72 -8.58 20.04
C PRO C 183 7.54 -9.52 19.83
N GLU C 184 6.44 -9.04 19.23
CA GLU C 184 5.20 -9.80 19.20
C GLU C 184 5.26 -10.97 18.22
N ASN C 185 5.93 -10.80 17.08
CA ASN C 185 5.97 -11.82 16.05
C ASN C 185 7.39 -12.33 15.80
N TRP C 186 8.32 -12.05 16.73
CA TRP C 186 9.70 -12.47 16.55
C TRP C 186 9.87 -13.99 16.42
N PRO C 187 9.26 -14.83 17.26
CA PRO C 187 9.41 -16.29 17.01
C PRO C 187 8.92 -16.68 15.63
N SER C 188 7.97 -15.95 15.07
CA SER C 188 7.53 -16.18 13.69
C SER C 188 8.56 -15.68 12.68
N ILE C 189 9.29 -14.61 13.01
CA ILE C 189 10.38 -14.13 12.18
C ILE C 189 11.59 -15.05 12.31
N ARG C 190 11.87 -15.51 13.53
CA ARG C 190 13.00 -16.40 13.78
C ARG C 190 12.87 -17.69 12.97
N LYS C 191 11.69 -18.30 12.98
CA LYS C 191 11.51 -19.57 12.30
C LYS C 191 11.76 -19.44 10.80
N GLY C 192 11.15 -18.42 10.18
CA GLY C 192 11.37 -18.22 8.75
C GLY C 192 12.82 -17.94 8.43
N LEU C 193 13.52 -17.23 9.31
CA LEU C 193 14.94 -16.94 9.11
C LEU C 193 15.78 -18.21 9.27
N ASP C 194 15.49 -19.02 10.29
CA ASP C 194 16.25 -20.26 10.48
C ASP C 194 16.10 -21.21 9.30
N ARG C 195 14.90 -21.25 8.69
CA ARG C 195 14.74 -22.01 7.44
C ARG C 195 15.68 -21.49 6.37
N ALA C 196 15.78 -20.15 6.22
CA ALA C 196 16.61 -19.58 5.18
C ALA C 196 18.09 -19.85 5.45
N LEU C 197 18.51 -19.68 6.70
CA LEU C 197 19.91 -19.92 7.04
C LEU C 197 20.26 -21.37 6.76
N ARG C 198 19.33 -22.28 7.03
CA ARG C 198 19.53 -23.69 6.74
C ARG C 198 19.63 -23.95 5.24
N ASP C 199 18.72 -23.33 4.47
CA ASP C 199 18.79 -23.42 3.01
C ASP C 199 20.12 -22.89 2.49
N PHE C 200 20.64 -21.81 3.08
CA PHE C 200 21.92 -21.30 2.60
C PHE C 200 23.04 -22.30 2.88
N GLU C 201 23.11 -22.83 4.11
CA GLU C 201 24.10 -23.86 4.42
C GLU C 201 23.97 -25.06 3.47
N ASP C 202 22.75 -25.49 3.17
CA ASP C 202 22.59 -26.77 2.45
C ASP C 202 22.75 -26.59 0.93
N TYR C 203 22.17 -25.52 0.38
CA TYR C 203 22.01 -25.31 -1.05
C TYR C 203 22.66 -24.03 -1.59
N GLY C 204 23.05 -23.08 -0.74
CA GLY C 204 23.74 -21.90 -1.25
C GLY C 204 22.87 -20.74 -1.68
N TYR C 205 21.56 -20.80 -1.45
CA TYR C 205 20.69 -19.65 -1.68
C TYR C 205 19.77 -19.50 -0.49
N CYS C 206 19.03 -18.38 -0.50
CA CYS C 206 17.92 -18.14 0.43
C CYS C 206 16.65 -17.88 -0.38
N LEU C 207 15.53 -18.41 0.10
CA LEU C 207 14.22 -18.16 -0.50
C LEU C 207 13.40 -17.20 0.36
N SER C 208 12.45 -16.55 -0.31
CA SER C 208 11.30 -15.95 0.36
C SER C 208 10.06 -16.33 -0.44
N ILE C 209 9.39 -17.40 -0.02
CA ILE C 209 8.17 -17.88 -0.68
C ILE C 209 6.99 -17.16 -0.03
N GLY C 210 6.65 -15.99 -0.59
CA GLY C 210 5.55 -15.18 -0.09
C GLY C 210 5.75 -14.61 1.30
N GLU C 211 6.99 -14.51 1.77
CA GLU C 211 7.26 -14.08 3.14
C GLU C 211 7.64 -12.60 3.22
N TRP C 212 7.68 -11.91 2.09
CA TRP C 212 7.73 -10.46 2.08
C TRP C 212 6.38 -9.89 1.64
N HIS C 213 5.95 -10.20 0.42
CA HIS C 213 4.58 -9.97 -0.06
C HIS C 213 3.97 -11.30 -0.43
N ARG C 214 2.67 -11.47 -0.11
CA ARG C 214 2.03 -12.78 -0.15
C ARG C 214 2.16 -13.48 -1.50
N ASP C 215 2.04 -12.74 -2.60
CA ASP C 215 2.04 -13.34 -3.94
C ASP C 215 3.35 -13.13 -4.70
N VAL C 216 4.45 -12.88 -4.00
CA VAL C 216 5.77 -12.76 -4.60
C VAL C 216 6.65 -13.87 -4.03
N ASN C 217 7.34 -14.59 -4.91
CA ASN C 217 8.37 -15.53 -4.51
C ASN C 217 9.71 -15.10 -5.10
N SER C 218 10.79 -15.43 -4.39
CA SER C 218 12.08 -14.96 -4.83
C SER C 218 13.18 -15.79 -4.17
N VAL C 219 14.33 -15.82 -4.83
CA VAL C 219 15.50 -16.56 -4.35
C VAL C 219 16.67 -15.60 -4.43
N ALA C 220 17.60 -15.69 -3.50
CA ALA C 220 18.71 -14.74 -3.47
C ALA C 220 20.02 -15.45 -3.12
N VAL C 221 21.11 -14.90 -3.63
CA VAL C 221 22.44 -15.48 -3.45
C VAL C 221 23.40 -14.34 -3.11
N PRO C 222 24.15 -14.41 -2.01
CA PRO C 222 25.04 -13.30 -1.66
C PRO C 222 26.43 -13.47 -2.28
N LEU C 223 27.15 -12.36 -2.34
CA LEU C 223 28.53 -12.36 -2.81
C LEU C 223 29.34 -11.45 -1.91
N VAL C 224 30.42 -11.96 -1.33
CA VAL C 224 31.29 -11.16 -0.47
C VAL C 224 32.31 -10.47 -1.36
N HIS C 225 32.29 -9.13 -1.40
CA HIS C 225 33.18 -8.36 -2.25
C HIS C 225 34.09 -7.49 -1.40
N LYS C 226 35.38 -7.49 -1.72
CA LYS C 226 36.37 -6.81 -0.89
C LYS C 226 36.08 -5.31 -0.77
N GLN C 227 35.55 -4.69 -1.83
CA GLN C 227 35.32 -3.26 -1.83
C GLN C 227 33.89 -2.90 -1.40
N TYR C 228 32.90 -3.55 -2.01
CA TYR C 228 31.52 -3.18 -1.75
C TYR C 228 30.92 -3.86 -0.53
N GLY C 229 31.62 -4.83 0.07
CA GLY C 229 31.03 -5.60 1.16
C GLY C 229 30.22 -6.77 0.63
N VAL C 230 29.08 -7.08 1.27
CA VAL C 230 28.22 -8.16 0.82
C VAL C 230 27.23 -7.59 -0.20
N LEU C 231 27.36 -7.99 -1.46
CA LEU C 231 26.32 -7.72 -2.43
C LEU C 231 25.41 -8.94 -2.51
N VAL C 232 24.14 -8.71 -2.82
CA VAL C 232 23.21 -9.84 -2.89
C VAL C 232 22.46 -9.72 -4.21
N PHE C 233 22.30 -10.84 -4.91
CA PHE C 233 21.56 -10.89 -6.16
C PHE C 233 20.29 -11.70 -5.96
N ASN C 234 19.17 -11.22 -6.50
CA ASN C 234 17.97 -12.02 -6.36
C ASN C 234 17.26 -12.14 -7.71
N CYS C 235 16.27 -13.02 -7.71
CA CYS C 235 15.43 -13.21 -8.89
C CYS C 235 14.07 -13.57 -8.32
N GLY C 236 13.04 -12.81 -8.67
CA GLY C 236 11.78 -12.99 -7.98
C GLY C 236 10.67 -12.45 -8.84
N GLY C 237 9.44 -12.73 -8.43
CA GLY C 237 8.29 -12.29 -9.18
C GLY C 237 7.01 -12.95 -8.70
N PRO C 238 5.96 -12.84 -9.50
CA PRO C 238 4.67 -13.43 -9.13
C PRO C 238 4.80 -14.90 -8.78
N SER C 239 4.20 -15.28 -7.65
CA SER C 239 4.34 -16.62 -7.12
C SER C 239 3.79 -17.66 -8.09
N PHE C 240 2.74 -17.32 -8.84
CA PHE C 240 2.20 -18.28 -9.81
C PHE C 240 3.19 -18.55 -10.93
N GLN C 241 4.10 -17.62 -11.21
CA GLN C 241 5.10 -17.81 -12.24
C GLN C 241 6.35 -18.53 -11.75
N LEU C 242 6.68 -18.34 -10.47
CA LEU C 242 7.92 -18.85 -9.87
C LEU C 242 7.57 -19.68 -8.65
N PRO C 243 7.06 -20.90 -8.84
CA PRO C 243 6.83 -21.78 -7.69
C PRO C 243 8.14 -22.12 -6.99
N ARG C 244 8.00 -22.56 -5.73
CA ARG C 244 9.15 -23.01 -4.95
C ARG C 244 10.02 -24.00 -5.73
N GLU C 245 9.39 -24.97 -6.39
CA GLU C 245 10.13 -26.00 -7.12
C GLU C 245 10.97 -25.41 -8.24
N LYS C 246 10.42 -24.46 -9.01
CA LYS C 246 11.23 -23.79 -10.02
C LYS C 246 12.40 -23.02 -9.40
N LEU C 247 12.19 -22.36 -8.27
CA LEU C 247 13.28 -21.62 -7.66
C LEU C 247 14.36 -22.57 -7.11
N GLU C 248 13.96 -23.68 -6.49
CA GLU C 248 14.92 -24.59 -5.86
C GLU C 248 15.71 -25.39 -6.89
N ASP C 249 15.04 -25.84 -7.96
CA ASP C 249 15.66 -26.74 -8.93
C ASP C 249 16.30 -26.04 -10.11
N ASP C 250 15.87 -24.82 -10.43
CA ASP C 250 16.24 -24.19 -11.69
C ASP C 250 16.82 -22.80 -11.43
N ILE C 251 16.02 -21.87 -10.93
CA ILE C 251 16.49 -20.48 -10.85
C ILE C 251 17.61 -20.34 -9.81
N GLY C 252 17.43 -20.95 -8.64
CA GLY C 252 18.41 -20.85 -7.58
C GLY C 252 19.80 -21.29 -8.03
N PRO C 253 19.93 -22.53 -8.53
CA PRO C 253 21.22 -22.97 -9.11
C PRO C 253 21.76 -22.06 -10.21
N ARG C 254 20.90 -21.60 -11.13
CA ARG C 254 21.37 -20.64 -12.13
C ARG C 254 21.84 -19.34 -11.49
N LEU C 255 21.18 -18.91 -10.41
CA LEU C 255 21.60 -17.65 -9.79
C LEU C 255 22.95 -17.83 -9.12
N ILE C 256 23.18 -19.01 -8.52
CA ILE C 256 24.47 -19.31 -7.89
C ILE C 256 25.58 -19.28 -8.93
N GLU C 257 25.33 -19.87 -10.10
CA GLU C 257 26.33 -19.86 -11.16
C GLU C 257 26.58 -18.43 -11.66
N MSE C 258 25.53 -17.63 -11.77
CA MSE C 258 25.67 -16.22 -12.20
C MSE C 258 26.55 -15.44 -11.25
O MSE C 258 27.46 -14.73 -11.66
CB MSE C 258 24.29 -15.54 -12.31
CG MSE C 258 24.36 -14.10 -12.99
SE MSE C 258 22.70 -13.14 -12.61
CE MSE C 258 23.07 -12.53 -10.79
N VAL C 259 26.28 -15.57 -9.95
CA VAL C 259 27.09 -14.89 -8.95
C VAL C 259 28.55 -15.35 -9.02
N HIS C 260 28.77 -16.66 -9.24
N HIS C 260 28.76 -16.66 -9.23
CA HIS C 260 30.13 -17.14 -9.43
CA HIS C 260 30.11 -17.18 -9.44
C HIS C 260 30.78 -16.50 -10.65
C HIS C 260 30.78 -16.52 -10.65
N ASN C 261 30.04 -16.35 -11.75
CA ASN C 261 30.59 -15.70 -12.93
C ASN C 261 30.91 -14.23 -12.64
N ILE C 262 30.00 -13.53 -11.95
CA ILE C 262 30.28 -12.14 -11.56
C ILE C 262 31.53 -12.07 -10.70
N SER C 263 31.62 -12.99 -9.73
CA SER C 263 32.74 -13.02 -8.79
C SER C 263 34.07 -13.24 -9.48
N SER C 264 34.09 -14.04 -10.54
CA SER C 264 35.36 -14.28 -11.23
C SER C 264 35.75 -13.15 -12.17
N ALA C 265 34.79 -12.31 -12.59
CA ALA C 265 35.07 -11.23 -13.54
C ALA C 265 35.39 -9.91 -12.86
N VAL C 266 34.98 -9.73 -11.60
CA VAL C 266 35.39 -8.58 -10.81
C VAL C 266 36.23 -9.10 -9.63
N PRO C 267 37.57 -9.03 -9.74
CA PRO C 267 38.48 -9.52 -8.72
C PRO C 267 38.66 -8.55 -7.55
N PRO D 5 -21.72 -1.29 -17.46
CA PRO D 5 -22.39 -0.46 -16.45
C PRO D 5 -23.34 -1.28 -15.54
N THR D 6 -22.99 -1.38 -14.25
CA THR D 6 -23.83 -2.10 -13.31
C THR D 6 -25.21 -1.48 -13.24
N MSE D 7 -26.23 -2.34 -13.11
CA MSE D 7 -27.62 -1.89 -13.08
C MSE D 7 -27.97 -1.14 -11.79
O MSE D 7 -27.70 -1.61 -10.69
CB MSE D 7 -28.57 -3.08 -13.25
CG MSE D 7 -28.35 -3.88 -14.52
SE MSE D 7 -29.58 -5.40 -14.57
CE MSE D 7 -30.92 -4.55 -15.71
N LEU D 8 -28.61 0.01 -11.95
CA LEU D 8 -29.12 0.77 -10.81
C LEU D 8 -30.50 0.32 -10.38
N THR D 9 -31.31 -0.24 -11.31
CA THR D 9 -32.68 -0.64 -11.02
C THR D 9 -32.95 -1.99 -11.69
N PRO D 10 -32.38 -3.07 -11.14
CA PRO D 10 -32.47 -4.37 -11.84
C PRO D 10 -33.88 -4.95 -11.97
N LEU D 11 -34.86 -4.46 -11.22
CA LEU D 11 -36.23 -4.95 -11.35
C LEU D 11 -37.07 -4.15 -12.34
N GLU D 12 -36.47 -3.20 -13.04
CA GLU D 12 -37.26 -2.38 -13.95
C GLU D 12 -37.82 -3.22 -15.11
N ALA D 13 -38.84 -2.68 -15.76
CA ALA D 13 -39.54 -3.40 -16.82
C ALA D 13 -38.62 -3.74 -17.98
N GLY D 14 -38.84 -4.92 -18.55
CA GLY D 14 -38.26 -5.26 -19.84
C GLY D 14 -36.77 -5.53 -19.85
N VAL D 15 -36.20 -6.01 -18.74
CA VAL D 15 -34.82 -6.47 -18.78
C VAL D 15 -34.73 -7.86 -19.39
N GLU D 16 -35.60 -8.78 -18.95
CA GLU D 16 -35.59 -10.15 -19.46
C GLU D 16 -35.89 -10.18 -20.97
N GLU D 17 -36.76 -9.29 -21.44
CA GLU D 17 -36.98 -9.18 -22.88
C GLU D 17 -35.74 -8.65 -23.60
N GLU D 18 -35.06 -7.68 -22.99
CA GLU D 18 -33.92 -7.04 -23.63
C GLU D 18 -32.62 -7.82 -23.41
N ASP D 19 -32.55 -8.63 -22.36
CA ASP D 19 -31.34 -9.41 -22.03
C ASP D 19 -31.74 -10.87 -21.83
N ARG D 20 -31.55 -11.69 -22.87
CA ARG D 20 -31.97 -13.09 -22.85
C ARG D 20 -31.23 -13.90 -21.80
N GLN D 21 -29.98 -13.52 -21.49
CA GLN D 21 -29.18 -14.21 -20.49
C GLN D 21 -29.53 -13.87 -19.04
N PHE D 22 -30.34 -12.83 -18.81
CA PHE D 22 -30.57 -12.34 -17.44
C PHE D 22 -31.48 -13.30 -16.68
N VAL D 23 -31.07 -13.70 -15.48
CA VAL D 23 -31.84 -14.67 -14.70
C VAL D 23 -32.69 -13.91 -13.71
N THR D 24 -33.96 -13.70 -14.05
CA THR D 24 -34.78 -12.77 -13.26
C THR D 24 -35.00 -13.24 -11.83
N ALA D 25 -35.22 -14.54 -11.61
CA ALA D 25 -35.48 -15.01 -10.25
C ALA D 25 -34.29 -14.74 -9.33
N LEU D 26 -33.07 -14.88 -9.86
CA LEU D 26 -31.88 -14.58 -9.08
C LEU D 26 -31.82 -13.10 -8.73
N ALA D 27 -32.06 -12.23 -9.72
CA ALA D 27 -32.07 -10.79 -9.45
C ALA D 27 -33.12 -10.45 -8.41
N ARG D 28 -34.30 -11.08 -8.50
CA ARG D 28 -35.35 -10.78 -7.54
C ARG D 28 -34.97 -11.21 -6.13
N GLY D 29 -34.36 -12.39 -5.98
CA GLY D 29 -34.00 -12.83 -4.64
C GLY D 29 -32.92 -11.94 -4.04
N LEU D 30 -31.98 -11.50 -4.86
CA LEU D 30 -30.93 -10.61 -4.35
C LEU D 30 -31.50 -9.25 -3.99
N GLU D 31 -32.47 -8.73 -4.79
CA GLU D 31 -33.10 -7.47 -4.38
C GLU D 31 -33.84 -7.61 -3.04
N VAL D 32 -34.44 -8.78 -2.78
CA VAL D 32 -35.05 -9.01 -1.47
C VAL D 32 -34.02 -8.82 -0.36
N LEU D 33 -32.85 -9.44 -0.51
CA LEU D 33 -31.81 -9.33 0.51
C LEU D 33 -31.37 -7.88 0.71
N ARG D 34 -31.29 -7.10 -0.39
CA ARG D 34 -30.90 -5.69 -0.25
C ARG D 34 -31.92 -4.84 0.47
N CYS D 35 -33.17 -5.32 0.64
CA CYS D 35 -34.15 -4.57 1.41
C CYS D 35 -33.72 -4.40 2.85
N PHE D 36 -32.86 -5.27 3.35
CA PHE D 36 -32.52 -5.30 4.77
C PHE D 36 -31.36 -4.33 4.96
N THR D 37 -31.55 -3.37 5.82
CA THR D 37 -30.49 -2.40 6.09
C THR D 37 -30.16 -2.40 7.56
N PRO D 38 -29.08 -1.74 7.99
CA PRO D 38 -28.86 -1.57 9.44
C PRO D 38 -30.05 -0.96 10.17
N THR D 39 -30.83 -0.09 9.54
CA THR D 39 -31.96 0.54 10.24
C THR D 39 -33.29 -0.17 10.03
N GLU D 40 -33.42 -1.02 9.02
CA GLU D 40 -34.65 -1.78 8.76
C GLU D 40 -34.24 -3.24 8.68
N ASN D 41 -33.99 -3.82 9.85
CA ASN D 41 -33.35 -5.12 9.85
C ASN D 41 -34.34 -6.24 10.03
N THR D 42 -35.64 -5.92 10.17
CA THR D 42 -36.70 -6.91 10.39
C THR D 42 -37.87 -6.61 9.46
N LEU D 43 -38.16 -7.51 8.52
CA LEU D 43 -39.16 -7.27 7.46
C LEU D 43 -39.95 -8.53 7.17
N GLY D 44 -41.24 -8.41 6.93
CA GLY D 44 -42.05 -9.53 6.47
C GLY D 44 -42.33 -9.46 4.96
N ASN D 45 -43.09 -10.44 4.46
CA ASN D 45 -43.37 -10.44 3.02
C ASN D 45 -44.09 -9.18 2.58
N GLN D 46 -44.98 -8.66 3.42
CA GLN D 46 -45.75 -7.49 3.02
C GLN D 46 -44.84 -6.28 2.84
N GLU D 47 -43.93 -6.06 3.79
CA GLU D 47 -43.04 -4.90 3.67
C GLU D 47 -42.04 -5.08 2.53
N ILE D 48 -41.63 -6.31 2.25
CA ILE D 48 -40.67 -6.53 1.17
C ILE D 48 -41.35 -6.33 -0.18
N ALA D 49 -42.60 -6.76 -0.31
CA ALA D 49 -43.34 -6.51 -1.53
C ALA D 49 -43.49 -5.02 -1.78
N HIS D 50 -43.72 -4.25 -0.70
CA HIS D 50 -43.84 -2.81 -0.85
C HIS D 50 -42.53 -2.19 -1.33
N LYS D 51 -41.40 -2.62 -0.78
CA LYS D 51 -40.12 -2.03 -1.17
C LYS D 51 -39.67 -2.49 -2.56
N THR D 52 -39.96 -3.72 -2.95
CA THR D 52 -39.48 -4.24 -4.22
C THR D 52 -40.45 -3.99 -5.36
N GLY D 53 -41.71 -3.74 -5.06
CA GLY D 53 -42.73 -3.69 -6.08
C GLY D 53 -43.13 -5.03 -6.63
N LEU D 54 -42.60 -6.15 -6.06
CA LEU D 54 -42.95 -7.49 -6.50
C LEU D 54 -44.26 -7.95 -5.86
N PRO D 55 -45.00 -8.83 -6.52
CA PRO D 55 -46.21 -9.37 -5.90
C PRO D 55 -45.84 -10.16 -4.65
N LYS D 56 -46.63 -10.00 -3.60
CA LYS D 56 -46.40 -10.75 -2.36
C LYS D 56 -46.20 -12.24 -2.57
N PRO D 57 -47.00 -12.94 -3.39
CA PRO D 57 -46.73 -14.39 -3.54
C PRO D 57 -45.38 -14.68 -4.16
N THR D 58 -44.89 -13.81 -5.04
CA THR D 58 -43.52 -13.94 -5.53
C THR D 58 -42.52 -13.72 -4.40
N VAL D 59 -42.72 -12.67 -3.59
CA VAL D 59 -41.83 -12.42 -2.45
C VAL D 59 -41.83 -13.61 -1.51
N SER D 60 -43.00 -14.19 -1.28
CA SER D 60 -43.13 -15.32 -0.37
C SER D 60 -42.26 -16.51 -0.77
N ARG D 61 -42.21 -16.85 -2.05
CA ARG D 61 -41.34 -17.93 -2.48
C ARG D 61 -39.86 -17.57 -2.30
N LEU D 62 -39.49 -16.32 -2.59
CA LEU D 62 -38.09 -15.92 -2.45
C LEU D 62 -37.62 -16.01 -1.01
N THR D 63 -38.40 -15.48 -0.07
CA THR D 63 -37.97 -15.52 1.33
C THR D 63 -38.00 -16.93 1.88
N HIS D 64 -39.00 -17.73 1.48
CA HIS D 64 -39.02 -19.14 1.87
C HIS D 64 -37.72 -19.81 1.49
N THR D 65 -37.30 -19.63 0.23
CA THR D 65 -36.07 -20.22 -0.29
C THR D 65 -34.85 -19.70 0.47
N LEU D 66 -34.80 -18.38 0.70
CA LEU D 66 -33.66 -17.80 1.41
C LEU D 66 -33.56 -18.35 2.84
N VAL D 67 -34.71 -18.57 3.51
CA VAL D 67 -34.68 -19.20 4.83
C VAL D 67 -34.12 -20.62 4.74
N ARG D 68 -34.63 -21.42 3.78
CA ARG D 68 -34.14 -22.80 3.67
C ARG D 68 -32.64 -22.84 3.44
N LEU D 69 -32.11 -21.83 2.74
CA LEU D 69 -30.68 -21.79 2.42
C LEU D 69 -29.83 -21.15 3.51
N GLY D 70 -30.44 -20.61 4.56
CA GLY D 70 -29.68 -19.97 5.62
C GLY D 70 -29.30 -18.53 5.42
N TYR D 71 -29.86 -17.82 4.43
CA TYR D 71 -29.58 -16.40 4.25
C TYR D 71 -30.55 -15.51 4.99
N LEU D 72 -31.76 -15.99 5.24
CA LEU D 72 -32.69 -15.30 6.12
C LEU D 72 -33.04 -16.24 7.26
N ARG D 73 -33.45 -15.68 8.39
CA ARG D 73 -34.12 -16.46 9.42
C ARG D 73 -35.47 -15.80 9.67
N GLN D 74 -36.43 -16.58 10.13
CA GLN D 74 -37.78 -16.06 10.33
C GLN D 74 -38.22 -16.25 11.77
N ASP D 75 -38.78 -15.19 12.37
CA ASP D 75 -39.43 -15.32 13.69
C ASP D 75 -40.77 -16.03 13.54
N ALA D 76 -40.92 -17.20 14.16
CA ALA D 76 -42.12 -18.00 13.92
C ALA D 76 -43.40 -17.33 14.41
N LEU D 77 -43.30 -16.44 15.40
CA LEU D 77 -44.50 -15.81 15.96
C LEU D 77 -44.96 -14.64 15.10
N SER D 78 -44.06 -13.68 14.86
CA SER D 78 -44.38 -12.50 14.05
C SER D 78 -44.38 -12.77 12.54
N GLY D 79 -43.70 -13.81 12.07
CA GLY D 79 -43.49 -14.00 10.64
C GLY D 79 -42.45 -13.08 10.00
N LEU D 80 -41.75 -12.26 10.77
CA LEU D 80 -40.79 -11.33 10.20
C LEU D 80 -39.44 -12.01 9.98
N TYR D 81 -38.76 -11.59 8.91
CA TYR D 81 -37.45 -12.10 8.58
C TYR D 81 -36.35 -11.15 9.03
N GLN D 82 -35.17 -11.75 9.21
CA GLN D 82 -33.92 -11.02 9.39
C GLN D 82 -32.84 -11.72 8.57
N LEU D 83 -31.79 -10.97 8.21
CA LEU D 83 -30.64 -11.60 7.56
C LEU D 83 -29.97 -12.59 8.53
N ASP D 84 -29.33 -13.63 7.99
CA ASP D 84 -28.76 -14.70 8.79
C ASP D 84 -27.31 -14.94 8.35
N ILE D 85 -26.54 -15.66 9.15
N ILE D 85 -26.68 -15.84 9.14
CA ILE D 85 -25.08 -15.51 9.05
CA ILE D 85 -25.26 -16.14 9.08
C ILE D 85 -24.49 -16.04 7.75
C ILE D 85 -24.86 -16.60 7.69
N GLY D 86 -25.24 -16.77 6.94
N GLY D 86 -25.70 -17.42 7.05
CA GLY D 86 -24.72 -17.19 5.64
CA GLY D 86 -25.48 -17.86 5.69
C GLY D 86 -24.38 -16.03 4.73
C GLY D 86 -24.97 -16.76 4.79
N ILE D 87 -24.77 -14.81 5.11
N ILE D 87 -25.44 -15.51 5.01
CA ILE D 87 -24.52 -13.62 4.29
CA ILE D 87 -25.03 -14.37 4.19
C ILE D 87 -23.07 -13.17 4.42
C ILE D 87 -23.50 -14.26 4.17
N LEU D 88 -22.56 -13.07 5.65
N LEU D 88 -22.87 -14.46 5.32
CA LEU D 88 -21.20 -12.59 5.86
CA LEU D 88 -21.44 -14.19 5.41
C LEU D 88 -20.14 -13.58 5.40
C LEU D 88 -20.62 -15.15 4.57
N ARG D 89 -20.50 -14.84 5.16
N ARG D 89 -21.18 -16.31 4.23
CA ARG D 89 -19.58 -15.77 4.52
CA ARG D 89 -20.46 -17.27 3.39
C ARG D 89 -19.13 -15.21 3.18
C ARG D 89 -20.46 -16.89 1.91
N LEU D 90 -20.10 -14.87 2.32
N LEU D 90 -21.20 -15.86 1.51
CA LEU D 90 -19.75 -14.22 1.07
CA LEU D 90 -21.09 -15.42 0.13
C LEU D 90 -18.98 -12.94 1.33
C LEU D 90 -19.79 -14.67 -0.14
N GLY D 91 -19.39 -12.17 2.34
N GLY D 91 -18.98 -14.40 0.89
CA GLY D 91 -18.77 -10.88 2.60
CA GLY D 91 -17.64 -13.88 0.69
C GLY D 91 -17.29 -10.98 2.88
C GLY D 91 -17.22 -12.69 1.55
N TYR D 92 -16.86 -12.05 3.53
N TYR D 92 -17.92 -12.40 2.67
CA TYR D 92 -15.45 -12.20 3.87
CA TYR D 92 -17.57 -11.24 3.50
C TYR D 92 -14.62 -12.56 2.64
C TYR D 92 -16.09 -11.22 3.86
N ALA D 93 -15.06 -13.55 1.86
N ALA D 93 -15.57 -12.33 4.39
CA ALA D 93 -14.33 -13.94 0.66
CA ALA D 93 -14.20 -12.34 4.88
C ALA D 93 -14.16 -12.77 -0.30
C ALA D 93 -13.17 -12.01 3.79
N MSE D 94 -15.16 -11.88 -0.36
N MSE D 94 -13.36 -12.56 2.59
CA MSE D 94 -15.11 -10.70 -1.22
CA MSE D 94 -12.44 -12.30 1.46
C MSE D 94 -14.00 -9.75 -0.76
C MSE D 94 -12.43 -10.83 1.07
O MSE D 94 -13.14 -9.36 -1.54
O MSE D 94 -11.37 -10.22 0.93
CB MSE D 94 -16.46 -9.99 -1.23
CB MSE D 94 -12.82 -13.13 0.24
CG MSE D 94 -16.58 -8.89 -2.27
CG MSE D 94 -12.39 -14.55 0.30
SE MSE D 94 -15.85 -7.16 -1.72
SE MSE D 94 -13.34 -15.65 -1.02
CE MSE D 94 -14.50 -6.97 -3.12
CE MSE D 94 -12.79 -14.68 -2.67
N LEU D 95 -14.06 -9.39 0.52
N LEU D 95 -13.62 -10.26 0.92
CA LEU D 95 -13.01 -8.58 1.13
CA LEU D 95 -13.73 -8.85 0.55
C LEU D 95 -11.62 -9.14 0.87
C LEU D 95 -13.30 -7.90 1.66
N SER D 96 -11.52 -10.46 0.69
N SER D 96 -13.14 -8.37 2.89
CA SER D 96 -10.23 -11.13 0.63
CA SER D 96 -12.56 -7.56 3.96
C SER D 96 -9.52 -10.98 -0.71
C SER D 96 -11.04 -7.63 3.97
N ASN D 97 -10.25 -10.64 -1.77
N ASN D 97 -10.46 -8.44 3.09
CA ASN D 97 -9.58 -10.47 -3.06
CA ASN D 97 -9.04 -8.72 3.01
C ASN D 97 -8.96 -9.09 -3.22
C ASN D 97 -8.55 -8.58 1.58
N LEU D 98 -9.27 -8.15 -2.31
N LEU D 98 -8.92 -7.49 0.92
CA LEU D 98 -8.69 -6.81 -2.27
CA LEU D 98 -8.50 -7.23 -0.46
C LEU D 98 -7.25 -6.89 -1.72
C LEU D 98 -6.99 -7.04 -0.54
N MSE D 99 -6.34 -7.28 -2.60
N MSE D 99 -6.43 -7.36 -1.72
CA MSE D 99 -4.92 -7.38 -2.23
CA MSE D 99 -4.99 -7.33 -1.94
C MSE D 99 -4.30 -6.03 -1.83
C MSE D 99 -4.37 -5.97 -1.65
O MSE D 99 -3.28 -5.98 -1.16
O MSE D 99 -3.38 -5.87 -0.94
CB MSE D 99 -4.12 -7.99 -3.39
CB MSE D 99 -4.66 -7.68 -3.39
CG MSE D 99 -3.02 -8.94 -2.96
CG MSE D 99 -5.71 -8.50 -4.08
SE MSE D 99 -3.73 -10.70 -2.44
SE MSE D 99 -5.27 -10.36 -3.86
CE MSE D 99 -3.01 -10.78 -0.66
CE MSE D 99 -3.35 -10.17 -4.19
N ILE D 100 -4.96 -4.94 -2.26
CA ILE D 100 -4.43 -3.58 -2.11
C ILE D 100 -4.27 -3.20 -0.64
N ARG D 101 -5.05 -3.86 0.22
CA ARG D 101 -5.04 -3.53 1.63
C ARG D 101 -3.67 -3.75 2.26
N THR D 102 -2.87 -4.67 1.73
CA THR D 102 -1.56 -4.87 2.34
C THR D 102 -0.62 -3.70 2.04
N VAL D 103 -0.86 -2.97 0.95
CA VAL D 103 -0.11 -1.72 0.74
C VAL D 103 -0.78 -0.55 1.47
N ALA D 104 -2.11 -0.45 1.37
CA ALA D 104 -2.81 0.76 1.75
C ALA D 104 -2.98 0.88 3.24
N SER D 105 -3.28 -0.22 3.90
CA SER D 105 -3.64 -0.13 5.31
C SER D 105 -2.52 0.43 6.18
N PRO D 106 -1.24 0.04 6.00
CA PRO D 106 -0.19 0.68 6.81
C PRO D 106 -0.05 2.17 6.54
N LEU D 107 -0.21 2.60 5.29
CA LEU D 107 -0.14 4.03 5.00
C LEU D 107 -1.35 4.74 5.60
N MSE D 108 -2.50 4.10 5.58
CA MSE D 108 -3.68 4.71 6.14
C MSE D 108 -3.52 4.90 7.64
O MSE D 108 -3.95 5.90 8.19
CB MSE D 108 -4.92 3.88 5.84
CG MSE D 108 -5.35 3.95 4.38
SE MSE D 108 -6.54 2.44 3.91
CE MSE D 108 -8.01 2.79 5.11
N GLN D 109 -2.90 3.91 8.30
CA GLN D 109 -2.68 4.00 9.73
C GLN D 109 -1.76 5.16 10.08
N VAL D 110 -0.70 5.38 9.29
CA VAL D 110 0.22 6.50 9.54
C VAL D 110 -0.52 7.83 9.43
N LEU D 111 -1.44 7.96 8.46
CA LEU D 111 -2.17 9.21 8.31
C LEU D 111 -3.17 9.38 9.43
N ALA D 112 -3.86 8.29 9.78
CA ALA D 112 -4.82 8.33 10.88
C ALA D 112 -4.15 8.69 12.19
N ASP D 113 -2.95 8.16 12.44
CA ASP D 113 -2.21 8.54 13.65
C ASP D 113 -1.83 10.01 13.61
N TYR D 114 -1.38 10.49 12.46
CA TYR D 114 -0.99 11.89 12.37
C TYR D 114 -2.17 12.83 12.56
N ALA D 115 -3.31 12.52 11.92
CA ALA D 115 -4.44 13.43 11.94
C ALA D 115 -5.34 13.21 13.13
N LYS D 116 -5.17 12.09 13.83
CA LYS D 116 -6.01 11.68 14.95
C LYS D 116 -7.48 11.59 14.54
N ALA D 117 -7.70 10.90 13.42
CA ALA D 117 -9.01 10.82 12.80
C ALA D 117 -9.04 9.54 11.98
N ALA D 118 -10.25 9.06 11.68
CA ALA D 118 -10.39 7.85 10.90
C ALA D 118 -10.01 8.07 9.43
N VAL D 119 -9.32 7.09 8.86
CA VAL D 119 -9.01 7.05 7.42
C VAL D 119 -9.68 5.80 6.85
N ALA D 120 -10.41 5.97 5.74
CA ALA D 120 -11.18 4.87 5.17
C ALA D 120 -10.90 4.75 3.68
N MSE D 121 -11.15 3.55 3.15
CA MSE D 121 -11.09 3.27 1.72
C MSE D 121 -12.48 2.77 1.31
O MSE D 121 -13.07 1.94 2.01
CB MSE D 121 -10.02 2.22 1.43
CG MSE D 121 -9.92 1.81 -0.04
SE MSE D 121 -8.55 0.44 -0.27
CE MSE D 121 -9.44 -1.04 0.60
N ALA D 122 -13.01 3.26 0.19
CA ALA D 122 -14.40 3.03 -0.16
C ALA D 122 -14.51 2.85 -1.66
N ALA D 123 -15.64 2.26 -2.10
CA ALA D 123 -15.93 2.15 -3.52
C ALA D 123 -17.45 2.18 -3.71
N ARG D 124 -17.86 2.44 -4.93
CA ARG D 124 -19.26 2.68 -5.24
C ARG D 124 -19.98 1.35 -5.46
N ASP D 125 -21.13 1.18 -4.81
CA ASP D 125 -22.12 0.24 -5.27
C ASP D 125 -23.43 0.97 -5.52
N ARG D 126 -23.87 0.98 -6.78
CA ARG D 126 -25.10 1.64 -7.20
C ARG D 126 -25.03 3.11 -6.83
N LEU D 127 -25.90 3.56 -5.93
CA LEU D 127 -25.98 4.97 -5.54
C LEU D 127 -25.34 5.26 -4.18
N SER D 128 -24.50 4.36 -3.68
CA SER D 128 -23.85 4.54 -2.38
C SER D 128 -22.36 4.27 -2.50
N MSE D 129 -21.61 4.76 -1.51
CA MSE D 129 -20.22 4.38 -1.31
C MSE D 129 -20.20 3.36 -0.20
O MSE D 129 -20.97 3.48 0.77
CB MSE D 129 -19.35 5.59 -0.93
CG MSE D 129 -19.34 6.68 -1.98
SE MSE D 129 -18.76 6.04 -3.72
CE MSE D 129 -16.90 5.65 -3.33
N VAL D 130 -19.34 2.35 -0.31
CA VAL D 130 -19.26 1.27 0.66
C VAL D 130 -17.85 1.28 1.23
N TYR D 131 -17.73 1.25 2.55
CA TYR D 131 -16.43 1.20 3.21
C TYR D 131 -15.81 -0.20 3.05
N LEU D 132 -14.61 -0.28 2.48
CA LEU D 132 -13.89 -1.53 2.32
C LEU D 132 -12.85 -1.74 3.40
N ASP D 133 -12.37 -0.68 4.03
CA ASP D 133 -11.39 -0.76 5.10
C ASP D 133 -11.43 0.56 5.85
N VAL D 134 -11.16 0.51 7.15
CA VAL D 134 -11.18 1.69 8.02
C VAL D 134 -10.10 1.53 9.07
N VAL D 135 -9.31 2.57 9.30
CA VAL D 135 -8.41 2.56 10.45
C VAL D 135 -8.70 3.81 11.27
N GLN D 136 -8.48 3.68 12.57
CA GLN D 136 -8.74 4.75 13.52
C GLN D 136 -7.40 5.30 13.99
N GLY D 137 -7.39 6.57 14.36
CA GLY D 137 -6.20 7.10 15.02
C GLY D 137 -5.95 6.39 16.33
N GLU D 138 -4.73 5.91 16.56
CA GLU D 138 -4.43 5.12 17.76
C GLU D 138 -4.20 6.00 18.99
N THR D 142 -13.44 8.50 19.09
CA THR D 142 -14.58 8.47 18.17
C THR D 142 -14.90 7.03 17.76
N MSE D 143 -16.17 6.66 17.91
CA MSE D 143 -16.67 5.35 17.48
C MSE D 143 -16.40 5.12 15.99
O MSE D 143 -16.61 6.01 15.15
CB MSE D 143 -18.16 5.22 17.79
CG MSE D 143 -18.79 3.90 17.36
SE MSE D 143 -20.51 3.60 18.19
CE MSE D 143 -19.96 3.65 20.06
N ARG D 144 -15.94 3.92 15.67
CA ARG D 144 -15.48 3.60 14.33
C ARG D 144 -16.66 3.22 13.42
N ARG D 145 -16.65 3.74 12.20
CA ARG D 145 -17.57 3.23 11.19
C ARG D 145 -17.11 1.85 10.74
N GLN D 146 -18.07 1.02 10.37
CA GLN D 146 -17.79 -0.39 10.14
C GLN D 146 -17.59 -0.67 8.66
N ILE D 147 -16.88 -1.76 8.40
CA ILE D 147 -16.67 -2.22 7.03
C ILE D 147 -17.99 -2.71 6.44
N GLY D 148 -18.28 -2.29 5.21
CA GLY D 148 -19.54 -2.57 4.57
C GLY D 148 -20.60 -1.51 4.79
N SER D 149 -20.37 -0.55 5.69
CA SER D 149 -21.36 0.50 5.88
C SER D 149 -21.33 1.43 4.67
N THR D 150 -22.41 2.18 4.50
CA THR D 150 -22.58 2.95 3.28
C THR D 150 -22.77 4.42 3.59
N LEU D 151 -22.43 5.24 2.59
CA LEU D 151 -22.62 6.69 2.55
C LEU D 151 -23.32 7.07 1.25
N PRO D 152 -24.21 8.05 1.28
CA PRO D 152 -24.83 8.50 0.04
C PRO D 152 -23.82 9.20 -0.84
N LEU D 153 -24.11 9.18 -2.14
CA LEU D 153 -23.15 9.62 -3.15
C LEU D 153 -22.97 11.14 -3.14
N ALA D 154 -24.07 11.90 -3.05
CA ALA D 154 -24.02 13.33 -3.34
C ALA D 154 -23.39 14.16 -2.23
N GLY D 155 -23.69 13.85 -0.96
CA GLY D 155 -23.27 14.70 0.13
C GLY D 155 -22.03 14.26 0.89
N SER D 156 -21.54 13.05 0.64
CA SER D 156 -20.35 12.59 1.34
C SER D 156 -19.10 12.96 0.54
N SER D 157 -17.98 13.14 1.26
CA SER D 157 -16.72 13.47 0.59
C SER D 157 -16.28 12.31 -0.31
N VAL D 158 -16.42 11.06 0.16
CA VAL D 158 -16.06 9.92 -0.68
C VAL D 158 -16.95 9.87 -1.91
N GLY D 159 -18.25 10.09 -1.72
CA GLY D 159 -19.16 10.03 -2.86
C GLY D 159 -18.87 11.12 -3.86
N ARG D 160 -18.57 12.33 -3.38
CA ARG D 160 -18.23 13.42 -4.28
C ARG D 160 -16.98 13.11 -5.07
N ALA D 161 -15.97 12.53 -4.42
CA ALA D 161 -14.73 12.25 -5.11
C ALA D 161 -14.92 11.13 -6.14
N CYS D 162 -15.82 10.18 -5.83
CA CYS D 162 -16.14 9.15 -6.82
C CYS D 162 -16.79 9.77 -8.04
N LEU D 163 -17.83 10.59 -7.82
CA LEU D 163 -18.48 11.31 -8.92
C LEU D 163 -17.48 12.13 -9.74
N ALA D 164 -16.54 12.78 -9.08
CA ALA D 164 -15.57 13.62 -9.79
C ALA D 164 -14.66 12.80 -10.69
N ALA D 165 -14.20 11.63 -10.22
CA ALA D 165 -13.19 10.85 -10.94
C ALA D 165 -13.79 10.01 -12.06
N MSE D 166 -15.10 9.83 -12.08
CA MSE D 166 -15.82 9.22 -13.21
C MSE D 166 -15.67 9.97 -14.52
O MSE D 166 -15.50 11.19 -14.53
CB MSE D 166 -17.32 9.16 -12.91
CG MSE D 166 -17.77 8.10 -11.99
SE MSE D 166 -19.70 8.25 -11.89
CE MSE D 166 -19.75 7.62 -10.04
N PRO D 167 -15.79 9.23 -15.64
CA PRO D 167 -16.01 9.90 -16.93
C PRO D 167 -17.32 10.66 -16.93
N GLU D 168 -17.33 11.77 -17.68
CA GLU D 168 -18.45 12.71 -17.66
C GLU D 168 -19.79 12.03 -17.89
N ASP D 169 -19.85 11.12 -18.87
CA ASP D 169 -21.13 10.53 -19.25
C ASP D 169 -21.66 9.60 -18.16
N GLU D 170 -20.79 8.82 -17.54
CA GLU D 170 -21.22 7.98 -16.42
C GLU D 170 -21.74 8.83 -15.26
N ARG D 171 -21.10 9.97 -15.00
CA ARG D 171 -21.57 10.83 -13.90
C ARG D 171 -22.94 11.42 -14.21
N THR D 172 -23.14 11.91 -15.43
CA THR D 172 -24.42 12.50 -15.79
C THR D 172 -25.55 11.48 -15.66
N PHE D 173 -25.31 10.24 -16.09
CA PHE D 173 -26.35 9.20 -15.98
C PHE D 173 -26.69 8.94 -14.53
N ILE D 174 -25.70 8.94 -13.64
CA ILE D 174 -25.97 8.73 -12.22
C ILE D 174 -26.67 9.95 -11.62
N LEU D 175 -26.18 11.15 -11.94
CA LEU D 175 -26.81 12.36 -11.42
C LEU D 175 -28.24 12.50 -11.93
N GLU D 176 -28.44 12.30 -13.24
CA GLU D 176 -29.80 12.36 -13.80
C GLU D 176 -30.73 11.35 -13.12
N HIS D 177 -30.17 10.22 -12.70
CA HIS D 177 -30.94 9.25 -11.94
C HIS D 177 -31.20 9.77 -10.53
N ILE D 178 -30.20 10.43 -9.93
CA ILE D 178 -30.37 10.98 -8.59
C ILE D 178 -31.36 12.13 -8.61
N ARG D 179 -31.36 12.93 -9.69
CA ARG D 179 -32.21 14.11 -9.71
C ARG D 179 -33.68 13.76 -9.93
N GLU D 180 -33.96 12.64 -10.62
CA GLU D 180 -35.33 12.21 -10.84
C GLU D 180 -35.94 11.69 -9.54
N ARG D 181 -35.21 10.81 -8.85
CA ARG D 181 -35.43 10.59 -7.42
C ARG D 181 -35.25 11.90 -6.68
N GLU D 182 -35.91 12.02 -5.52
CA GLU D 182 -35.84 13.19 -4.64
C GLU D 182 -35.72 14.50 -5.41
N PRO D 183 -36.74 14.90 -6.16
CA PRO D 183 -36.66 16.18 -6.88
C PRO D 183 -36.75 17.39 -5.96
N GLU D 184 -36.96 17.16 -4.67
CA GLU D 184 -37.12 18.26 -3.71
C GLU D 184 -35.87 19.13 -3.65
N ASN D 185 -34.76 18.55 -3.21
CA ASN D 185 -33.56 19.30 -2.89
C ASN D 185 -32.52 19.28 -3.99
N TRP D 186 -32.90 18.91 -5.22
CA TRP D 186 -31.91 18.82 -6.29
C TRP D 186 -31.10 20.10 -6.49
N PRO D 187 -31.65 21.32 -6.38
CA PRO D 187 -30.77 22.51 -6.44
C PRO D 187 -29.83 22.62 -5.25
N SER D 188 -30.29 22.33 -4.03
CA SER D 188 -29.42 22.43 -2.87
C SER D 188 -28.29 21.41 -2.94
N ILE D 189 -28.58 20.19 -3.40
CA ILE D 189 -27.56 19.16 -3.46
C ILE D 189 -26.72 19.29 -4.73
N ARG D 190 -27.23 19.92 -5.79
CA ARG D 190 -26.38 20.24 -6.94
C ARG D 190 -25.38 21.34 -6.59
N LYS D 191 -25.81 22.32 -5.80
CA LYS D 191 -24.92 23.40 -5.37
C LYS D 191 -23.71 22.85 -4.63
N GLY D 192 -23.95 22.02 -3.60
CA GLY D 192 -22.84 21.43 -2.87
C GLY D 192 -21.99 20.51 -3.70
N LEU D 193 -22.59 19.86 -4.71
CA LEU D 193 -21.83 18.98 -5.58
C LEU D 193 -20.90 19.76 -6.50
N ASP D 194 -21.41 20.84 -7.11
CA ASP D 194 -20.56 21.60 -8.03
C ASP D 194 -19.40 22.29 -7.32
N ARG D 195 -19.57 22.69 -6.05
CA ARG D 195 -18.45 23.23 -5.29
C ARG D 195 -17.40 22.16 -5.01
N ALA D 196 -17.82 20.92 -4.72
CA ALA D 196 -16.85 19.86 -4.51
C ALA D 196 -16.22 19.43 -5.83
N LEU D 197 -16.98 19.47 -6.93
CA LEU D 197 -16.41 19.20 -8.25
C LEU D 197 -15.36 20.24 -8.60
N ARG D 198 -15.67 21.51 -8.38
CA ARG D 198 -14.67 22.56 -8.60
C ARG D 198 -13.43 22.31 -7.74
N ASP D 199 -13.62 21.91 -6.48
CA ASP D 199 -12.46 21.63 -5.63
C ASP D 199 -11.63 20.48 -6.18
N PHE D 200 -12.27 19.44 -6.71
CA PHE D 200 -11.46 18.35 -7.26
C PHE D 200 -10.71 18.79 -8.51
N GLU D 201 -11.33 19.63 -9.34
CA GLU D 201 -10.61 20.13 -10.51
C GLU D 201 -9.43 21.01 -10.10
N ASP D 202 -9.58 21.76 -9.00
CA ASP D 202 -8.57 22.75 -8.63
C ASP D 202 -7.43 22.10 -7.88
N TYR D 203 -7.77 21.18 -6.98
CA TYR D 203 -6.86 20.63 -6.00
C TYR D 203 -6.79 19.12 -5.96
N GLY D 204 -7.76 18.42 -6.54
CA GLY D 204 -7.71 16.98 -6.51
C GLY D 204 -8.27 16.34 -5.26
N TYR D 205 -8.95 17.09 -4.38
CA TYR D 205 -9.72 16.49 -3.31
C TYR D 205 -11.15 17.02 -3.34
N CYS D 206 -12.02 16.36 -2.58
CA CYS D 206 -13.37 16.83 -2.31
C CYS D 206 -13.59 16.88 -0.81
N LEU D 207 -14.32 17.89 -0.39
CA LEU D 207 -14.69 18.08 1.01
C LEU D 207 -16.17 17.82 1.23
N SER D 208 -16.49 17.36 2.44
CA SER D 208 -17.85 17.40 2.94
C SER D 208 -17.76 18.03 4.33
N ILE D 209 -18.10 19.31 4.42
CA ILE D 209 -18.09 20.02 5.69
C ILE D 209 -19.53 19.96 6.23
N GLY D 210 -19.77 19.01 7.12
CA GLY D 210 -21.08 18.88 7.75
C GLY D 210 -22.20 18.55 6.78
N GLU D 211 -21.84 18.23 5.53
CA GLU D 211 -22.82 18.05 4.48
C GLU D 211 -23.31 16.60 4.36
N TRP D 212 -22.69 15.65 5.05
CA TRP D 212 -23.25 14.32 5.21
C TRP D 212 -23.88 14.14 6.58
N HIS D 213 -23.10 14.38 7.63
CA HIS D 213 -23.55 14.41 9.01
C HIS D 213 -23.09 15.75 9.58
N ARG D 214 -23.98 16.45 10.31
CA ARG D 214 -23.71 17.83 10.68
C ARG D 214 -22.44 17.97 11.53
N ASP D 215 -22.10 16.96 12.32
CA ASP D 215 -21.01 17.05 13.27
C ASP D 215 -19.66 16.60 12.70
N VAL D 216 -19.58 16.30 11.41
CA VAL D 216 -18.43 15.60 10.83
C VAL D 216 -17.95 16.36 9.60
N ASN D 217 -16.62 16.53 9.50
CA ASN D 217 -15.97 17.10 8.32
C ASN D 217 -15.04 16.04 7.72
N SER D 218 -14.90 16.05 6.40
CA SER D 218 -14.13 15.01 5.72
C SER D 218 -13.52 15.54 4.44
N VAL D 219 -12.38 14.96 4.06
CA VAL D 219 -11.75 15.25 2.79
C VAL D 219 -11.49 13.90 2.12
N ALA D 220 -11.69 13.82 0.81
CA ALA D 220 -11.53 12.55 0.09
C ALA D 220 -10.72 12.76 -1.19
N VAL D 221 -10.05 11.69 -1.61
CA VAL D 221 -9.19 11.71 -2.80
C VAL D 221 -9.43 10.41 -3.53
N PRO D 222 -9.72 10.43 -4.83
CA PRO D 222 -9.98 9.20 -5.57
C PRO D 222 -8.73 8.61 -6.20
N LEU D 223 -8.83 7.34 -6.55
CA LEU D 223 -7.76 6.61 -7.22
C LEU D 223 -8.42 5.74 -8.27
N VAL D 224 -8.15 6.02 -9.54
CA VAL D 224 -8.70 5.21 -10.63
C VAL D 224 -7.79 4.01 -10.80
N HIS D 225 -8.28 2.83 -10.41
CA HIS D 225 -7.45 1.63 -10.39
C HIS D 225 -7.84 0.68 -11.52
N LYS D 226 -6.84 0.21 -12.26
CA LYS D 226 -7.11 -0.61 -13.44
C LYS D 226 -7.83 -1.92 -13.09
N GLN D 227 -7.65 -2.45 -11.88
CA GLN D 227 -8.35 -3.66 -11.46
C GLN D 227 -9.61 -3.36 -10.64
N TYR D 228 -9.50 -2.49 -9.64
CA TYR D 228 -10.62 -2.27 -8.72
C TYR D 228 -11.62 -1.24 -9.23
N GLY D 229 -11.31 -0.51 -10.29
CA GLY D 229 -12.10 0.66 -10.61
C GLY D 229 -11.73 1.80 -9.69
N VAL D 230 -12.66 2.73 -9.50
CA VAL D 230 -12.41 3.93 -8.70
C VAL D 230 -12.48 3.55 -7.22
N LEU D 231 -11.34 3.64 -6.54
CA LEU D 231 -11.29 3.58 -5.08
C LEU D 231 -11.19 5.00 -4.55
N VAL D 232 -11.77 5.25 -3.39
CA VAL D 232 -11.72 6.58 -2.80
C VAL D 232 -11.25 6.44 -1.36
N PHE D 233 -10.36 7.33 -0.95
CA PHE D 233 -9.84 7.35 0.40
C PHE D 233 -10.27 8.63 1.07
N ASN D 234 -10.70 8.56 2.33
CA ASN D 234 -11.04 9.81 2.99
C ASN D 234 -10.32 9.90 4.33
N CYS D 235 -10.40 11.07 4.94
CA CYS D 235 -9.96 11.27 6.30
C CYS D 235 -10.95 12.25 6.91
N GLY D 236 -11.55 11.87 8.04
CA GLY D 236 -12.61 12.72 8.58
C GLY D 236 -12.83 12.44 10.04
N GLY D 237 -13.69 13.26 10.65
CA GLY D 237 -13.97 13.17 12.06
C GLY D 237 -14.74 14.38 12.53
N PRO D 238 -14.89 14.53 13.85
CA PRO D 238 -15.72 15.62 14.40
C PRO D 238 -15.31 16.99 13.87
N SER D 239 -16.31 17.82 13.58
CA SER D 239 -16.06 19.11 12.94
C SER D 239 -15.20 20.02 13.80
N PHE D 240 -15.27 19.88 15.13
CA PHE D 240 -14.47 20.74 15.99
C PHE D 240 -12.98 20.41 15.89
N GLN D 241 -12.63 19.17 15.56
CA GLN D 241 -11.23 18.79 15.48
C GLN D 241 -10.62 19.02 14.10
N LEU D 242 -11.43 18.96 13.04
CA LEU D 242 -10.96 19.11 11.67
C LEU D 242 -11.77 20.17 10.95
N PRO D 243 -11.52 21.45 11.22
CA PRO D 243 -12.19 22.51 10.45
C PRO D 243 -11.74 22.49 8.99
N ARG D 244 -12.49 23.20 8.13
CA ARG D 244 -12.20 23.21 6.70
C ARG D 244 -10.76 23.62 6.42
N GLU D 245 -10.23 24.57 7.20
CA GLU D 245 -8.89 25.09 6.93
C GLU D 245 -7.83 24.03 7.17
N LYS D 246 -7.95 23.23 8.24
CA LYS D 246 -6.96 22.20 8.47
C LYS D 246 -7.04 21.11 7.40
N LEU D 247 -8.24 20.81 6.90
CA LEU D 247 -8.36 19.86 5.81
C LEU D 247 -7.79 20.43 4.52
N GLU D 248 -7.95 21.74 4.28
CA GLU D 248 -7.44 22.32 3.04
C GLU D 248 -5.92 22.45 3.08
N ASP D 249 -5.37 22.83 4.23
CA ASP D 249 -3.95 23.21 4.30
C ASP D 249 -3.03 22.07 4.72
N ASP D 250 -3.54 21.03 5.39
CA ASP D 250 -2.67 19.99 5.89
C ASP D 250 -3.16 18.58 5.55
N ILE D 251 -4.33 18.19 6.08
CA ILE D 251 -4.81 16.80 5.92
C ILE D 251 -5.02 16.47 4.46
N GLY D 252 -5.76 17.33 3.73
CA GLY D 252 -6.01 17.13 2.32
C GLY D 252 -4.76 16.90 1.50
N PRO D 253 -3.78 17.80 1.59
CA PRO D 253 -2.50 17.55 0.89
C PRO D 253 -1.80 16.25 1.31
N ARG D 254 -1.82 15.89 2.59
CA ARG D 254 -1.24 14.60 3.01
C ARG D 254 -2.01 13.42 2.45
N LEU D 255 -3.35 13.52 2.41
CA LEU D 255 -4.13 12.45 1.78
C LEU D 255 -3.79 12.31 0.30
N ILE D 256 -3.60 13.42 -0.42
CA ILE D 256 -3.20 13.34 -1.82
C ILE D 256 -1.90 12.54 -1.96
N GLU D 257 -0.91 12.86 -1.11
CA GLU D 257 0.38 12.18 -1.14
C GLU D 257 0.22 10.69 -0.87
N MSE D 258 -0.59 10.35 0.12
CA MSE D 258 -0.86 8.97 0.50
C MSE D 258 -1.47 8.17 -0.65
O MSE D 258 -1.05 7.06 -0.92
CB MSE D 258 -1.80 8.90 1.70
CG MSE D 258 -1.95 7.44 2.24
SE MSE D 258 -3.43 7.20 3.49
CE MSE D 258 -4.92 6.97 2.31
N VAL D 259 -2.50 8.73 -1.29
CA VAL D 259 -3.13 8.03 -2.42
C VAL D 259 -2.14 7.91 -3.57
N HIS D 260 -1.32 8.94 -3.79
CA HIS D 260 -0.26 8.84 -4.78
C HIS D 260 0.71 7.71 -4.46
N ASN D 261 1.14 7.60 -3.20
CA ASN D 261 2.05 6.53 -2.81
C ASN D 261 1.40 5.14 -2.92
N ILE D 262 0.11 5.04 -2.62
CA ILE D 262 -0.57 3.75 -2.78
C ILE D 262 -0.57 3.34 -4.25
N SER D 263 -0.95 4.28 -5.12
CA SER D 263 -0.97 4.02 -6.56
C SER D 263 0.41 3.62 -7.10
N SER D 264 1.48 4.20 -6.56
CA SER D 264 2.83 3.83 -7.03
C SER D 264 3.19 2.40 -6.67
N ALA D 265 2.63 1.86 -5.59
CA ALA D 265 3.02 0.52 -5.13
C ALA D 265 2.18 -0.60 -5.74
N VAL D 266 1.02 -0.29 -6.29
CA VAL D 266 0.11 -1.28 -6.86
C VAL D 266 0.18 -1.16 -8.39
N PRO D 267 0.42 -2.26 -9.12
CA PRO D 267 0.54 -2.25 -10.59
C PRO D 267 -0.80 -2.04 -11.29
C ACY E . 20.77 21.17 -22.43
O ACY E . 21.38 22.04 -23.12
OXT ACY E . 19.74 21.38 -21.72
CH3 ACY E . 21.25 19.75 -22.54
C ACY F . 18.11 7.18 -15.84
O ACY F . 18.56 7.55 -16.95
OXT ACY F . 18.38 7.76 -14.77
CH3 ACY F . 17.21 5.97 -15.73
CA CA G . -1.08 24.44 -12.20
C ACY H . -11.17 -23.48 17.97
O ACY H . -10.87 -24.68 18.19
OXT ACY H . -12.23 -22.94 18.40
CH3 ACY H . -10.23 -22.61 17.15
C1 EDO I . 17.45 22.73 -3.76
O1 EDO I . 18.85 22.98 -3.79
C2 EDO I . 16.69 23.95 -4.29
O2 EDO I . 17.07 25.11 -3.55
C ACY J . 12.78 -10.73 -2.11
O ACY J . 14.03 -10.75 -2.20
OXT ACY J . 12.11 -11.44 -1.32
CH3 ACY J . 12.04 -9.77 -3.00
C ACY K . 22.31 20.36 17.13
O ACY K . 22.60 19.32 17.74
OXT ACY K . 21.56 21.34 17.42
CH3 ACY K . 22.98 20.40 15.84
C ACY L . -29.11 -20.51 10.13
C ACY L . -28.02 -21.23 10.14
O ACY L . -28.27 -19.62 9.83
O ACY L . -27.58 -20.15 10.58
OXT ACY L . -29.96 -20.98 9.33
OXT ACY L . -27.52 -22.35 10.40
CH3 ACY L . -29.08 -21.05 11.54
CH3 ACY L . -29.23 -21.20 9.26
C ACY M . -17.47 11.62 4.16
O ACY M . -16.71 11.05 3.35
OXT ACY M . -18.05 12.71 3.92
CH3 ACY M . -17.68 10.94 5.49
#